data_6IMU
#
_entry.id   6IMU
#
_cell.length_a   91.657
_cell.length_b   117.971
_cell.length_c   93.156
_cell.angle_alpha   90.00
_cell.angle_beta   90.00
_cell.angle_gamma   90.00
#
_symmetry.space_group_name_H-M   'P 21 21 2'
#
loop_
_entity.id
_entity.type
_entity.pdbx_description
1 polymer Endo-beta-1,2-glucanase
2 non-polymer 2-acetamido-2-deoxy-beta-D-glucopyranose
3 non-polymer GLYCEROL
4 non-polymer 'CITRIC ACID'
5 non-polymer DI(HYDROXYETHYL)ETHER
6 non-polymer 'TRIETHYLENE GLYCOL'
7 water water
#
_entity_poly.entity_id   1
_entity_poly.type   'polypeptide(L)'
_entity_poly.pdbx_seq_one_letter_code
;AGIHHHHHHSSEPSCRFAHQYTQEQVLQNPSKFINDVLFWEGKFHQNNISYNSGNGMSYDGTNIDWVTGEGTVKHPFSAA
SKESLQVMLYAHAIAGSADAARFLSPNNPSAAPGIAASIMDTKLQTYLRFNETYPGFGGFLPWFTSSSQDLTPTWDWNNR
VPGLDNGELLWAVYAFIQAAENTSNKSFIDLAKKWQTWMDYTKTTAAHIFYQGEGKVCAVTDIKNQSLPVYHPEQTYACE
GTSYLNDPYEGELFTWWLQFFGGLSDADIEALWEYKRPQLVSVDYHIGNVGPITVQKGYWFSSHETWKVLEMPYYDIDII
RRVFQNAERARTCNSVVTQVPGMFASINNVTDPATGDVVGYISNAGIPSIANQTIQELDVITPYSVFPTVLFDKGVGMAW
WRNMAIGKKMQNIYGSTESTRRDGTGVSALLTWDSKVSTVNAILGGVSGLVSQKMKAENIYNTFVERIEAEYSRVFKNLK
GEHVPFCLPQETVPDTGLVDFTTCN
;
_entity_poly.pdbx_strand_id   A,B
#
loop_
_chem_comp.id
_chem_comp.type
_chem_comp.name
_chem_comp.formula
CIT non-polymer 'CITRIC ACID' 'C6 H8 O7'
GOL non-polymer GLYCEROL 'C3 H8 O3'
NAG D-saccharide, beta linking 2-acetamido-2-deoxy-beta-D-glucopyranose 'C8 H15 N O6'
PEG non-polymer DI(HYDROXYETHYL)ETHER 'C4 H10 O3'
PGE non-polymer 'TRIETHYLENE GLYCOL' 'C6 H14 O4'
#
# COMPACT_ATOMS: atom_id res chain seq x y z
N GLU A 12 -24.22 -18.93 -2.37
CA GLU A 12 -24.48 -20.11 -1.50
C GLU A 12 -23.18 -20.74 -0.97
N PRO A 13 -22.10 -20.93 -1.77
CA PRO A 13 -20.96 -21.72 -1.28
C PRO A 13 -20.19 -21.03 -0.14
N SER A 14 -19.69 -21.84 0.80
CA SER A 14 -18.77 -21.38 1.85
C SER A 14 -17.52 -20.77 1.22
N CYS A 15 -16.93 -19.80 1.92
CA CYS A 15 -15.69 -19.18 1.50
C CYS A 15 -14.58 -20.23 1.38
N ARG A 16 -14.54 -21.15 2.33
CA ARG A 16 -13.48 -22.15 2.42
C ARG A 16 -13.96 -23.47 1.81
N PHE A 17 -14.48 -23.40 0.58
CA PHE A 17 -15.15 -24.54 -0.06
C PHE A 17 -14.15 -25.59 -0.56
N ALA A 18 -12.89 -25.21 -0.76
CA ALA A 18 -11.90 -26.09 -1.39
C ALA A 18 -11.79 -27.42 -0.62
N HIS A 19 -11.77 -27.38 0.71
CA HIS A 19 -11.57 -28.61 1.49
C HIS A 19 -12.91 -29.27 1.86
N GLN A 20 -14.03 -28.66 1.42
CA GLN A 20 -15.35 -29.27 1.52
C GLN A 20 -15.52 -30.40 0.48
N TYR A 21 -14.68 -30.38 -0.57
CA TYR A 21 -14.65 -31.43 -1.62
C TYR A 21 -13.44 -32.33 -1.41
N THR A 22 -13.57 -33.60 -1.79
CA THR A 22 -12.44 -34.49 -2.00
C THR A 22 -11.92 -34.27 -3.43
N GLN A 23 -10.68 -34.72 -3.66
CA GLN A 23 -10.07 -34.64 -4.97
C GLN A 23 -10.93 -35.37 -6.00
N GLU A 24 -11.35 -36.60 -5.66
CA GLU A 24 -12.11 -37.44 -6.59
C GLU A 24 -13.47 -36.80 -6.87
N GLN A 25 -14.04 -36.09 -5.90
CA GLN A 25 -15.33 -35.43 -6.11
C GLN A 25 -15.19 -34.30 -7.15
N VAL A 26 -14.02 -33.64 -7.18
CA VAL A 26 -13.76 -32.60 -8.19
C VAL A 26 -13.77 -33.26 -9.58
N LEU A 27 -13.08 -34.40 -9.70
CA LEU A 27 -13.00 -35.13 -10.99
C LEU A 27 -14.38 -35.66 -11.40
N GLN A 28 -15.20 -36.06 -10.41
CA GLN A 28 -16.52 -36.63 -10.67
C GLN A 28 -17.50 -35.54 -11.16
N ASN A 29 -17.31 -34.29 -10.72
CA ASN A 29 -18.18 -33.19 -11.16
C ASN A 29 -17.40 -31.89 -11.14
N PRO A 30 -16.52 -31.65 -12.14
CA PRO A 30 -15.76 -30.40 -12.22
C PRO A 30 -16.65 -29.14 -12.21
N SER A 31 -17.81 -29.20 -12.86
CA SER A 31 -18.70 -28.05 -13.03
C SER A 31 -19.20 -27.53 -11.68
N LYS A 32 -19.59 -28.45 -10.78
CA LYS A 32 -20.06 -28.03 -9.46
C LYS A 32 -18.95 -27.27 -8.74
N PHE A 33 -17.74 -27.83 -8.78
CA PHE A 33 -16.59 -27.23 -8.12
C PHE A 33 -16.33 -25.84 -8.73
N ILE A 34 -16.27 -25.79 -10.06
CA ILE A 34 -15.99 -24.57 -10.81
C ILE A 34 -17.01 -23.49 -10.47
N ASN A 35 -18.27 -23.89 -10.26
CA ASN A 35 -19.35 -22.98 -9.91
C ASN A 35 -19.06 -22.24 -8.59
N ASP A 36 -18.46 -22.96 -7.64
CA ASP A 36 -18.03 -22.37 -6.38
C ASP A 36 -16.82 -21.46 -6.61
N VAL A 37 -15.87 -21.92 -7.42
CA VAL A 37 -14.66 -21.17 -7.75
C VAL A 37 -15.05 -19.79 -8.32
N LEU A 38 -15.92 -19.78 -9.32
CA LEU A 38 -16.31 -18.56 -10.04
C LEU A 38 -16.99 -17.56 -9.09
N PHE A 39 -17.81 -18.07 -8.17
CA PHE A 39 -18.54 -17.24 -7.22
C PHE A 39 -17.56 -16.41 -6.40
N TRP A 40 -16.55 -17.06 -5.82
CA TRP A 40 -15.62 -16.38 -4.90
C TRP A 40 -14.58 -15.58 -5.67
N GLU A 41 -14.13 -16.09 -6.83
CA GLU A 41 -13.25 -15.31 -7.72
C GLU A 41 -13.91 -13.98 -8.09
N GLY A 42 -15.22 -14.02 -8.32
CA GLY A 42 -16.04 -12.85 -8.63
C GLY A 42 -15.93 -11.74 -7.59
N LYS A 43 -15.71 -12.12 -6.33
CA LYS A 43 -15.65 -11.15 -5.22
C LYS A 43 -14.41 -10.26 -5.33
N PHE A 44 -13.41 -10.70 -6.12
CA PHE A 44 -12.24 -9.90 -6.45
C PHE A 44 -12.66 -8.66 -7.25
N HIS A 45 -13.73 -8.79 -8.03
CA HIS A 45 -14.21 -7.73 -8.90
C HIS A 45 -15.04 -6.73 -8.07
N GLN A 46 -14.32 -5.85 -7.37
CA GLN A 46 -14.89 -4.77 -6.57
C GLN A 46 -13.97 -3.54 -6.65
N ASN A 47 -14.57 -2.36 -6.47
CA ASN A 47 -13.83 -1.09 -6.37
C ASN A 47 -12.82 -1.21 -5.22
N ASN A 48 -11.63 -0.63 -5.47
CA ASN A 48 -10.53 -0.52 -4.49
C ASN A 48 -9.89 -1.90 -4.22
N ILE A 49 -10.38 -2.96 -4.87
CA ILE A 49 -9.79 -4.29 -4.73
C ILE A 49 -9.04 -4.66 -6.01
N SER A 50 -9.78 -4.71 -7.13
CA SER A 50 -9.21 -5.12 -8.43
C SER A 50 -9.32 -4.01 -9.49
N TYR A 51 -10.22 -3.02 -9.29
CA TYR A 51 -10.33 -1.93 -10.24
C TYR A 51 -10.85 -0.67 -9.55
N ASN A 52 -10.74 0.43 -10.30
CA ASN A 52 -11.24 1.72 -9.93
C ASN A 52 -12.55 1.94 -10.71
N SER A 53 -13.68 1.99 -10.01
CA SER A 53 -14.99 2.12 -10.64
C SER A 53 -15.22 3.55 -11.18
N GLY A 54 -14.42 4.50 -10.70
CA GLY A 54 -14.46 5.88 -11.19
C GLY A 54 -14.03 6.01 -12.64
N ASN A 55 -12.93 5.33 -13.01
CA ASN A 55 -12.34 5.47 -14.35
C ASN A 55 -12.38 4.13 -15.11
N GLY A 56 -12.86 3.07 -14.46
CA GLY A 56 -13.05 1.76 -15.10
C GLY A 56 -11.74 1.00 -15.34
N MET A 57 -10.66 1.43 -14.68
CA MET A 57 -9.32 0.90 -14.90
C MET A 57 -8.96 -0.16 -13.84
N SER A 58 -8.22 -1.18 -14.27
CA SER A 58 -7.74 -2.22 -13.37
C SER A 58 -6.67 -1.64 -12.43
N TYR A 59 -6.62 -2.22 -11.22
CA TYR A 59 -5.42 -2.23 -10.37
C TYR A 59 -4.77 -3.61 -10.52
N ASP A 60 -3.45 -3.68 -10.36
CA ASP A 60 -2.74 -4.94 -10.42
C ASP A 60 -3.39 -5.93 -9.44
N GLY A 61 -3.74 -5.42 -8.26
CA GLY A 61 -4.38 -6.17 -7.22
C GLY A 61 -4.31 -5.44 -5.89
N THR A 62 -4.39 -6.21 -4.80
CA THR A 62 -4.33 -5.63 -3.47
C THR A 62 -3.79 -6.67 -2.47
N ASN A 63 -3.09 -6.14 -1.46
CA ASN A 63 -2.72 -6.91 -0.28
C ASN A 63 -3.99 -7.15 0.55
N ILE A 64 -3.99 -8.26 1.28
CA ILE A 64 -5.02 -8.54 2.26
C ILE A 64 -4.34 -8.80 3.60
N ASP A 65 -5.05 -8.49 4.69
CA ASP A 65 -4.47 -8.54 6.02
C ASP A 65 -4.08 -9.97 6.37
N TRP A 66 -2.88 -10.12 6.94
CA TRP A 66 -2.31 -11.43 7.25
C TRP A 66 -3.28 -12.25 8.11
N VAL A 67 -3.95 -11.61 9.07
CA VAL A 67 -4.82 -12.31 10.02
C VAL A 67 -6.25 -12.39 9.46
N THR A 68 -6.80 -11.26 9.01
CA THR A 68 -8.25 -11.20 8.70
C THR A 68 -8.53 -11.68 7.26
N GLY A 69 -7.56 -11.52 6.36
CA GLY A 69 -7.75 -11.79 4.93
C GLY A 69 -8.63 -10.76 4.22
N GLU A 70 -8.79 -9.57 4.82
CA GLU A 70 -9.53 -8.47 4.20
C GLU A 70 -8.58 -7.53 3.46
N GLY A 71 -9.06 -6.93 2.37
CA GLY A 71 -8.32 -5.95 1.59
C GLY A 71 -7.74 -4.86 2.49
N THR A 72 -6.45 -4.55 2.31
CA THR A 72 -5.74 -3.54 3.10
C THR A 72 -5.14 -2.47 2.16
N VAL A 73 -4.07 -2.86 1.44
CA VAL A 73 -3.17 -1.99 0.70
C VAL A 73 -3.24 -2.39 -0.78
N LYS A 74 -3.92 -1.58 -1.61
CA LYS A 74 -4.02 -1.86 -3.04
C LYS A 74 -2.68 -1.57 -3.70
N HIS A 75 -2.43 -2.25 -4.83
CA HIS A 75 -1.45 -1.84 -5.82
C HIS A 75 -2.12 -0.79 -6.71
N PRO A 76 -1.67 0.49 -6.70
CA PRO A 76 -2.35 1.56 -7.42
C PRO A 76 -1.96 1.66 -8.90
N PHE A 77 -1.18 0.68 -9.37
CA PHE A 77 -0.66 0.62 -10.71
C PHE A 77 -1.24 -0.63 -11.41
N SER A 78 -1.23 -0.59 -12.74
CA SER A 78 -1.56 -1.75 -13.57
C SER A 78 -0.92 -1.58 -14.94
N ALA A 79 -1.31 -2.45 -15.87
CA ALA A 79 -0.74 -2.49 -17.22
C ALA A 79 -1.73 -3.18 -18.16
N ALA A 80 -1.43 -3.10 -19.46
CA ALA A 80 -2.32 -3.56 -20.52
C ALA A 80 -2.58 -5.07 -20.40
N SER A 81 -1.61 -5.79 -19.80
CA SER A 81 -1.68 -7.23 -19.55
C SER A 81 -2.83 -7.57 -18.58
N LYS A 82 -3.00 -6.78 -17.53
CA LYS A 82 -4.09 -6.99 -16.56
C LYS A 82 -5.40 -6.52 -17.18
N GLU A 83 -5.35 -5.40 -17.92
CA GLU A 83 -6.47 -4.90 -18.68
C GLU A 83 -7.04 -6.03 -19.55
N SER A 84 -6.15 -6.81 -20.19
CA SER A 84 -6.54 -7.87 -21.11
C SER A 84 -7.37 -8.94 -20.40
N LEU A 85 -7.00 -9.28 -19.15
CA LEU A 85 -7.74 -10.28 -18.34
C LEU A 85 -9.15 -9.76 -18.02
N GLN A 86 -9.23 -8.49 -17.63
CA GLN A 86 -10.49 -7.82 -17.32
C GLN A 86 -11.36 -7.76 -18.58
N VAL A 87 -10.76 -7.33 -19.70
CA VAL A 87 -11.49 -7.17 -20.94
C VAL A 87 -11.98 -8.54 -21.43
N MET A 88 -11.14 -9.57 -21.35
CA MET A 88 -11.53 -10.92 -21.80
C MET A 88 -12.75 -11.41 -21.00
N LEU A 89 -12.75 -11.14 -19.69
CA LEU A 89 -13.89 -11.53 -18.86
C LEU A 89 -15.14 -10.81 -19.35
N TYR A 90 -15.03 -9.50 -19.59
CA TYR A 90 -16.16 -8.67 -20.01
C TYR A 90 -16.67 -9.10 -21.39
N ALA A 91 -15.77 -9.61 -22.24
CA ALA A 91 -16.18 -10.17 -23.54
C ALA A 91 -17.17 -11.32 -23.32
N HIS A 92 -16.84 -12.23 -22.39
CA HIS A 92 -17.72 -13.37 -22.08
C HIS A 92 -19.01 -12.87 -21.42
N ALA A 93 -18.88 -11.89 -20.51
CA ALA A 93 -20.01 -11.37 -19.76
C ALA A 93 -21.04 -10.74 -20.72
N ILE A 94 -20.56 -9.91 -21.67
CA ILE A 94 -21.47 -9.18 -22.56
C ILE A 94 -22.12 -10.13 -23.57
N ALA A 95 -21.44 -11.24 -23.90
CA ALA A 95 -21.97 -12.27 -24.79
C ALA A 95 -23.06 -13.11 -24.11
N GLY A 96 -23.19 -12.98 -22.79
CA GLY A 96 -24.26 -13.63 -22.02
C GLY A 96 -23.84 -14.97 -21.43
N SER A 97 -22.52 -15.20 -21.34
CA SER A 97 -21.96 -16.39 -20.65
C SER A 97 -22.48 -16.47 -19.22
N ALA A 98 -23.04 -17.64 -18.87
CA ALA A 98 -23.57 -17.88 -17.54
C ALA A 98 -22.43 -17.93 -16.51
N ASP A 99 -21.27 -18.47 -16.93
CA ASP A 99 -20.12 -18.62 -16.04
C ASP A 99 -19.53 -17.23 -15.75
N ALA A 100 -19.42 -16.38 -16.77
CA ALA A 100 -18.96 -15.01 -16.58
C ALA A 100 -19.95 -14.24 -15.68
N ALA A 101 -21.24 -14.57 -15.79
CA ALA A 101 -22.28 -13.96 -14.95
C ALA A 101 -22.13 -14.41 -13.49
N ARG A 102 -21.80 -15.70 -13.30
CA ARG A 102 -21.54 -16.27 -11.97
C ARG A 102 -20.45 -15.43 -11.28
N PHE A 103 -19.46 -15.00 -12.06
CA PHE A 103 -18.35 -14.18 -11.60
C PHE A 103 -18.80 -12.73 -11.36
N LEU A 104 -19.43 -12.11 -12.36
CA LEU A 104 -19.67 -10.64 -12.34
C LEU A 104 -20.90 -10.28 -11.50
N SER A 105 -21.92 -11.14 -11.52
CA SER A 105 -23.27 -10.77 -11.09
C SER A 105 -24.04 -12.02 -10.67
N PRO A 106 -23.56 -12.78 -9.65
CA PRO A 106 -24.13 -14.09 -9.33
C PRO A 106 -25.57 -14.03 -8.83
N ASN A 107 -25.95 -12.93 -8.15
CA ASN A 107 -27.28 -12.80 -7.55
C ASN A 107 -28.29 -12.28 -8.58
N ASN A 108 -27.79 -11.74 -9.70
CA ASN A 108 -28.61 -11.30 -10.81
C ASN A 108 -27.82 -11.48 -12.11
N PRO A 109 -27.78 -12.71 -12.67
CA PRO A 109 -26.97 -12.98 -13.88
C PRO A 109 -27.31 -12.09 -15.08
N SER A 110 -28.60 -11.78 -15.26
CA SER A 110 -29.08 -11.03 -16.42
C SER A 110 -28.43 -9.63 -16.50
N ALA A 111 -27.93 -9.11 -15.37
CA ALA A 111 -27.31 -7.77 -15.32
C ALA A 111 -25.83 -7.77 -15.76
N ALA A 112 -25.23 -8.96 -15.91
CA ALA A 112 -23.77 -9.09 -16.15
C ALA A 112 -23.36 -8.39 -17.45
N PRO A 113 -24.15 -8.52 -18.54
CA PRO A 113 -23.83 -7.81 -19.79
C PRO A 113 -23.76 -6.29 -19.62
N GLY A 114 -24.76 -5.72 -18.92
CA GLY A 114 -24.84 -4.28 -18.65
C GLY A 114 -23.67 -3.79 -17.79
N ILE A 115 -23.27 -4.59 -16.80
CA ILE A 115 -22.15 -4.21 -15.93
C ILE A 115 -20.87 -4.14 -16.79
N ALA A 116 -20.63 -5.16 -17.62
CA ALA A 116 -19.47 -5.19 -18.52
C ALA A 116 -19.51 -3.98 -19.47
N ALA A 117 -20.70 -3.68 -19.99
CA ALA A 117 -20.86 -2.60 -20.96
C ALA A 117 -20.55 -1.26 -20.31
N SER A 118 -21.11 -1.03 -19.12
CA SER A 118 -20.90 0.19 -18.34
C SER A 118 -19.40 0.41 -18.06
N ILE A 119 -18.72 -0.60 -17.53
CA ILE A 119 -17.32 -0.44 -17.13
C ILE A 119 -16.46 -0.18 -18.38
N MET A 120 -16.74 -0.90 -19.47
CA MET A 120 -15.97 -0.77 -20.71
C MET A 120 -16.21 0.61 -21.35
N ASP A 121 -17.40 1.17 -21.14
CA ASP A 121 -17.68 2.53 -21.60
C ASP A 121 -16.78 3.50 -20.82
N THR A 122 -16.83 3.41 -19.49
CA THR A 122 -16.05 4.24 -18.58
C THR A 122 -14.55 4.07 -18.89
N LYS A 123 -14.12 2.82 -19.09
CA LYS A 123 -12.73 2.49 -19.37
C LYS A 123 -12.25 3.21 -20.64
N LEU A 124 -13.06 3.15 -21.71
CA LEU A 124 -12.69 3.74 -22.99
C LEU A 124 -12.47 5.24 -22.82
N GLN A 125 -13.39 5.91 -22.12
CA GLN A 125 -13.28 7.34 -21.85
C GLN A 125 -11.90 7.63 -21.25
N THR A 126 -11.50 6.80 -20.27
CA THR A 126 -10.21 6.93 -19.59
C THR A 126 -9.05 6.72 -20.58
N TYR A 127 -9.15 5.69 -21.42
CA TYR A 127 -8.12 5.40 -22.45
C TYR A 127 -7.94 6.63 -23.36
N LEU A 128 -9.05 7.29 -23.72
CA LEU A 128 -9.05 8.38 -24.67
C LEU A 128 -8.47 9.65 -24.04
N ARG A 129 -8.77 9.91 -22.76
CA ARG A 129 -8.19 11.03 -22.01
C ARG A 129 -6.67 10.85 -21.92
N PHE A 130 -6.23 9.60 -21.72
CA PHE A 130 -4.81 9.28 -21.62
C PHE A 130 -4.13 9.54 -22.97
N ASN A 131 -4.78 9.17 -24.07
CA ASN A 131 -4.23 9.36 -25.40
C ASN A 131 -4.05 10.86 -25.70
N GLU A 132 -5.03 11.67 -25.31
N GLU A 132 -5.03 11.67 -25.31
CA GLU A 132 -5.02 13.11 -25.53
CA GLU A 132 -5.02 13.11 -25.54
C GLU A 132 -3.85 13.75 -24.77
C GLU A 132 -3.85 13.76 -24.77
N THR A 133 -3.65 13.33 -23.52
CA THR A 133 -2.64 13.90 -22.63
C THR A 133 -1.25 13.36 -22.98
N TYR A 134 -1.18 12.08 -23.39
CA TYR A 134 0.08 11.40 -23.71
C TYR A 134 0.00 10.81 -25.11
N PRO A 135 -0.07 11.65 -26.17
CA PRO A 135 -0.25 11.16 -27.54
C PRO A 135 0.95 10.37 -28.08
N GLY A 136 2.13 10.56 -27.46
CA GLY A 136 3.37 9.89 -27.87
C GLY A 136 3.33 8.38 -27.72
N PHE A 137 2.40 7.86 -26.92
CA PHE A 137 2.24 6.40 -26.74
C PHE A 137 1.53 5.78 -27.96
N GLY A 138 0.95 6.61 -28.83
CA GLY A 138 0.35 6.17 -30.08
C GLY A 138 -0.85 5.26 -29.86
N GLY A 139 -1.56 5.46 -28.74
CA GLY A 139 -2.77 4.71 -28.42
C GLY A 139 -2.50 3.41 -27.66
N PHE A 140 -1.22 3.17 -27.33
CA PHE A 140 -0.79 2.05 -26.50
C PHE A 140 -0.72 2.49 -25.03
N LEU A 141 -0.64 1.52 -24.12
CA LEU A 141 -0.59 1.83 -22.68
C LEU A 141 0.76 1.37 -22.11
N PRO A 142 1.43 2.23 -21.32
CA PRO A 142 2.55 1.82 -20.49
C PRO A 142 2.01 1.18 -19.21
N TRP A 143 2.89 0.84 -18.26
CA TRP A 143 2.44 0.64 -16.88
C TRP A 143 1.96 1.99 -16.35
N PHE A 144 0.77 2.00 -15.73
CA PHE A 144 0.09 3.24 -15.39
C PHE A 144 -0.35 3.21 -13.93
N THR A 145 -0.55 4.42 -13.36
CA THR A 145 -1.18 4.62 -12.08
C THR A 145 -2.67 4.85 -12.35
N SER A 146 -3.54 4.06 -11.71
CA SER A 146 -4.98 4.11 -12.00
C SER A 146 -5.79 4.58 -10.78
N SER A 147 -5.12 5.02 -9.71
CA SER A 147 -5.78 5.38 -8.43
C SER A 147 -6.47 6.75 -8.52
N SER A 148 -6.11 7.59 -9.50
CA SER A 148 -6.85 8.85 -9.75
C SER A 148 -7.67 8.72 -11.04
N GLN A 149 -8.55 9.71 -11.27
CA GLN A 149 -9.52 9.63 -12.35
C GLN A 149 -8.80 9.54 -13.70
N ASP A 150 -7.75 10.35 -13.88
CA ASP A 150 -6.95 10.33 -15.10
C ASP A 150 -5.74 9.42 -14.89
N LEU A 151 -5.43 8.61 -15.92
CA LEU A 151 -4.24 7.77 -15.94
C LEU A 151 -3.00 8.64 -16.08
N THR A 152 -1.94 8.22 -15.38
CA THR A 152 -0.58 8.68 -15.61
C THR A 152 0.33 7.46 -15.72
N PRO A 153 1.42 7.51 -16.53
CA PRO A 153 2.42 6.47 -16.49
C PRO A 153 2.99 6.39 -15.08
N THR A 154 3.35 5.19 -14.61
CA THR A 154 4.15 5.10 -13.41
C THR A 154 5.46 5.84 -13.71
N TRP A 155 6.18 6.27 -12.68
CA TRP A 155 7.38 7.05 -12.89
C TRP A 155 8.35 6.28 -13.79
N ASP A 156 8.51 4.98 -13.49
CA ASP A 156 9.49 4.14 -14.16
C ASP A 156 9.14 3.97 -15.65
N TRP A 157 7.88 4.19 -16.02
CA TRP A 157 7.39 3.90 -17.36
C TRP A 157 7.01 5.16 -18.14
N ASN A 158 7.40 6.33 -17.65
CA ASN A 158 7.41 7.52 -18.47
C ASN A 158 8.23 7.22 -19.73
N ASN A 159 7.66 7.51 -20.90
CA ASN A 159 8.40 7.47 -22.17
C ASN A 159 8.88 6.03 -22.48
N ARG A 160 8.14 5.04 -22.01
CA ARG A 160 8.47 3.62 -22.21
C ARG A 160 7.16 2.85 -22.41
N VAL A 161 7.12 1.99 -23.43
CA VAL A 161 5.89 1.27 -23.74
C VAL A 161 6.22 -0.16 -24.10
N PRO A 162 5.55 -1.16 -23.46
CA PRO A 162 5.85 -2.57 -23.69
C PRO A 162 4.94 -3.19 -24.77
N GLY A 163 5.55 -3.86 -25.74
CA GLY A 163 4.82 -4.52 -26.83
C GLY A 163 3.99 -5.70 -26.35
N LEU A 164 4.59 -6.51 -25.48
CA LEU A 164 3.98 -7.76 -25.01
C LEU A 164 2.60 -7.48 -24.40
N ASP A 165 2.53 -6.56 -23.43
CA ASP A 165 1.32 -6.30 -22.66
C ASP A 165 0.22 -5.76 -23.58
N ASN A 166 0.61 -4.91 -24.53
CA ASN A 166 -0.34 -4.28 -25.42
C ASN A 166 -0.89 -5.32 -26.41
N GLY A 167 -0.04 -6.24 -26.86
CA GLY A 167 -0.48 -7.35 -27.73
C GLY A 167 -1.63 -8.14 -27.11
N GLU A 168 -1.52 -8.39 -25.81
CA GLU A 168 -2.55 -9.09 -25.03
C GLU A 168 -3.85 -8.27 -25.01
N LEU A 169 -3.73 -6.97 -24.69
CA LEU A 169 -4.90 -6.10 -24.61
C LEU A 169 -5.62 -6.01 -25.96
N LEU A 170 -4.85 -5.84 -27.04
CA LEU A 170 -5.41 -5.59 -28.38
C LEU A 170 -6.30 -6.77 -28.83
N TRP A 171 -5.83 -8.01 -28.65
CA TRP A 171 -6.64 -9.17 -29.05
C TRP A 171 -7.84 -9.35 -28.10
N ALA A 172 -7.70 -8.94 -26.84
CA ALA A 172 -8.80 -8.98 -25.89
C ALA A 172 -9.92 -8.04 -26.34
N VAL A 173 -9.55 -6.81 -26.73
CA VAL A 173 -10.48 -5.78 -27.21
C VAL A 173 -11.14 -6.25 -28.50
N TYR A 174 -10.33 -6.86 -29.38
CA TYR A 174 -10.78 -7.52 -30.63
C TYR A 174 -11.93 -8.49 -30.32
N ALA A 175 -11.74 -9.33 -29.29
CA ALA A 175 -12.73 -10.33 -28.86
C ALA A 175 -13.98 -9.64 -28.30
N PHE A 176 -13.77 -8.62 -27.46
CA PHE A 176 -14.87 -7.93 -26.81
C PHE A 176 -15.78 -7.29 -27.87
N ILE A 177 -15.15 -6.68 -28.89
CA ILE A 177 -15.86 -6.04 -30.00
C ILE A 177 -16.80 -7.05 -30.65
N GLN A 178 -16.25 -8.24 -30.98
CA GLN A 178 -17.04 -9.30 -31.59
C GLN A 178 -18.18 -9.71 -30.65
N ALA A 179 -17.87 -9.89 -29.36
CA ALA A 179 -18.86 -10.34 -28.39
C ALA A 179 -20.02 -9.33 -28.31
N ALA A 180 -19.69 -8.03 -28.24
CA ALA A 180 -20.67 -6.97 -28.12
C ALA A 180 -21.59 -6.96 -29.36
N GLU A 181 -20.97 -7.15 -30.54
CA GLU A 181 -21.69 -7.09 -31.82
C GLU A 181 -22.55 -8.35 -32.00
N ASN A 182 -22.15 -9.47 -31.40
CA ASN A 182 -22.90 -10.74 -31.47
C ASN A 182 -24.23 -10.66 -30.71
N THR A 183 -24.41 -9.65 -29.84
CA THR A 183 -25.63 -9.50 -29.05
C THR A 183 -26.77 -8.89 -29.89
N SER A 184 -26.41 -8.16 -30.96
CA SER A 184 -27.34 -7.34 -31.76
C SER A 184 -28.05 -6.27 -30.89
N ASN A 185 -27.49 -5.95 -29.73
CA ASN A 185 -27.99 -4.88 -28.87
C ASN A 185 -27.33 -3.58 -29.36
N LYS A 186 -28.14 -2.60 -29.77
CA LYS A 186 -27.64 -1.42 -30.49
C LYS A 186 -26.71 -0.61 -29.58
N SER A 187 -27.05 -0.55 -28.28
CA SER A 187 -26.23 0.09 -27.26
C SER A 187 -24.83 -0.55 -27.21
N PHE A 188 -24.80 -1.89 -27.16
CA PHE A 188 -23.57 -2.66 -27.09
C PHE A 188 -22.77 -2.56 -28.40
N ILE A 189 -23.48 -2.51 -29.54
CA ILE A 189 -22.84 -2.37 -30.85
C ILE A 189 -22.17 -0.99 -30.95
N ASP A 190 -22.89 0.06 -30.52
CA ASP A 190 -22.33 1.43 -30.50
C ASP A 190 -21.06 1.45 -29.66
N LEU A 191 -21.09 0.81 -28.48
CA LEU A 191 -19.90 0.72 -27.60
C LEU A 191 -18.75 0.03 -28.35
N ALA A 192 -19.07 -1.09 -29.03
CA ALA A 192 -18.10 -1.87 -29.79
C ALA A 192 -17.41 -1.00 -30.85
N LYS A 193 -18.20 -0.16 -31.54
CA LYS A 193 -17.68 0.69 -32.63
C LYS A 193 -16.69 1.73 -32.08
N LYS A 194 -16.98 2.29 -30.90
CA LYS A 194 -16.07 3.25 -30.24
C LYS A 194 -14.76 2.54 -29.89
N TRP A 195 -14.85 1.29 -29.41
CA TRP A 195 -13.66 0.51 -29.09
C TRP A 195 -12.91 0.13 -30.37
N GLN A 196 -13.65 -0.13 -31.45
CA GLN A 196 -13.05 -0.47 -32.76
C GLN A 196 -12.18 0.71 -33.22
N THR A 197 -12.66 1.94 -33.01
CA THR A 197 -11.92 3.17 -33.33
C THR A 197 -10.61 3.22 -32.53
N TRP A 198 -10.69 2.93 -31.23
CA TRP A 198 -9.50 2.93 -30.37
C TRP A 198 -8.49 1.90 -30.90
N MET A 199 -8.98 0.68 -31.11
CA MET A 199 -8.17 -0.45 -31.55
C MET A 199 -7.53 -0.15 -32.92
N ASP A 200 -8.32 0.40 -33.83
CA ASP A 200 -7.88 0.67 -35.21
C ASP A 200 -6.77 1.73 -35.22
N TYR A 201 -6.79 2.68 -34.27
CA TYR A 201 -5.77 3.71 -34.21
C TYR A 201 -4.39 3.08 -33.97
N THR A 202 -4.32 2.03 -33.15
CA THR A 202 -3.05 1.35 -32.83
C THR A 202 -2.43 0.74 -34.11
N LYS A 203 -3.28 0.36 -35.06
CA LYS A 203 -2.83 -0.24 -36.31
C LYS A 203 -1.99 0.77 -37.10
N THR A 204 -2.34 2.06 -36.98
CA THR A 204 -1.70 3.14 -37.73
C THR A 204 -0.33 3.51 -37.12
N THR A 205 -0.09 3.16 -35.84
CA THR A 205 1.11 3.59 -35.12
C THR A 205 2.07 2.42 -34.80
N ALA A 206 1.56 1.18 -34.82
CA ALA A 206 2.26 -0.01 -34.29
C ALA A 206 3.68 -0.16 -34.87
N ALA A 207 3.78 -0.15 -36.20
CA ALA A 207 5.05 -0.39 -36.90
C ALA A 207 6.05 0.75 -36.60
N HIS A 208 5.58 1.99 -36.68
CA HIS A 208 6.41 3.16 -36.43
C HIS A 208 7.00 3.09 -35.00
N ILE A 209 6.18 2.64 -34.04
CA ILE A 209 6.59 2.63 -32.63
C ILE A 209 7.42 1.37 -32.33
N PHE A 210 7.06 0.20 -32.86
CA PHE A 210 7.62 -1.06 -32.35
C PHE A 210 8.48 -1.83 -33.37
N TYR A 211 8.37 -1.55 -34.67
CA TYR A 211 9.08 -2.37 -35.66
C TYR A 211 10.39 -1.68 -36.07
N GLN A 212 11.51 -2.26 -35.65
CA GLN A 212 12.85 -1.73 -35.91
C GLN A 212 13.32 -2.06 -37.33
N GLY A 213 12.87 -3.22 -37.85
CA GLY A 213 13.27 -3.72 -39.17
C GLY A 213 13.97 -5.07 -39.05
N GLU A 214 14.06 -5.78 -40.18
CA GLU A 214 14.73 -7.09 -40.28
C GLU A 214 14.11 -8.09 -39.28
N GLY A 215 12.80 -7.97 -39.05
CA GLY A 215 12.06 -8.89 -38.19
C GLY A 215 12.21 -8.62 -36.71
N LYS A 216 12.86 -7.50 -36.35
CA LYS A 216 13.13 -7.16 -34.95
C LYS A 216 12.03 -6.23 -34.43
N VAL A 217 11.35 -6.65 -33.36
CA VAL A 217 10.25 -5.93 -32.74
C VAL A 217 10.66 -5.57 -31.31
N CYS A 218 10.60 -4.28 -30.94
CA CYS A 218 11.01 -3.85 -29.60
C CYS A 218 10.16 -4.56 -28.53
N ALA A 219 10.83 -5.14 -27.52
CA ALA A 219 10.15 -5.56 -26.29
C ALA A 219 9.61 -4.33 -25.57
N VAL A 220 10.46 -3.31 -25.45
CA VAL A 220 10.11 -2.02 -24.88
C VAL A 220 10.61 -0.93 -25.83
N THR A 221 9.73 0.00 -26.21
CA THR A 221 10.10 1.14 -27.03
C THR A 221 10.28 2.36 -26.12
N ASP A 222 11.41 3.05 -26.32
CA ASP A 222 11.73 4.30 -25.64
C ASP A 222 11.24 5.45 -26.53
N ILE A 223 10.40 6.31 -25.94
CA ILE A 223 9.78 7.44 -26.60
C ILE A 223 10.57 8.69 -26.24
N LYS A 224 10.86 9.53 -27.22
CA LYS A 224 11.61 10.77 -26.98
C LYS A 224 10.85 11.58 -25.92
N ASN A 225 9.56 11.82 -26.17
CA ASN A 225 8.72 12.58 -25.26
C ASN A 225 7.24 12.24 -25.49
N GLN A 226 6.65 11.58 -24.50
CA GLN A 226 5.27 11.08 -24.50
C GLN A 226 4.25 12.22 -24.72
N SER A 227 4.64 13.46 -24.41
CA SER A 227 3.75 14.62 -24.59
C SER A 227 3.63 15.00 -26.06
N LEU A 228 4.61 14.63 -26.89
CA LEU A 228 4.63 14.97 -28.33
C LEU A 228 3.80 13.94 -29.11
N PRO A 229 2.97 14.37 -30.09
CA PRO A 229 2.32 13.42 -31.00
C PRO A 229 3.30 12.46 -31.69
N VAL A 230 2.77 11.35 -32.18
CA VAL A 230 3.56 10.26 -32.76
C VAL A 230 4.45 10.81 -33.88
N TYR A 231 3.91 11.69 -34.71
CA TYR A 231 4.60 12.18 -35.92
C TYR A 231 5.00 13.65 -35.76
N HIS A 232 5.17 14.12 -34.51
CA HIS A 232 5.75 15.43 -34.27
C HIS A 232 7.18 15.43 -34.81
N PRO A 233 7.66 16.53 -35.45
CA PRO A 233 8.98 16.54 -36.08
C PRO A 233 10.16 16.14 -35.18
N GLU A 234 9.99 16.24 -33.86
CA GLU A 234 11.04 15.92 -32.88
C GLU A 234 10.88 14.52 -32.28
N GLN A 235 9.71 13.91 -32.43
CA GLN A 235 9.40 12.63 -31.80
C GLN A 235 10.28 11.55 -32.43
N THR A 236 10.83 10.67 -31.59
CA THR A 236 11.58 9.50 -32.03
C THR A 236 11.21 8.30 -31.15
N TYR A 237 11.34 7.10 -31.75
CA TYR A 237 11.10 5.83 -31.09
C TYR A 237 12.31 4.92 -31.34
N ALA A 238 12.76 4.22 -30.30
CA ALA A 238 13.85 3.26 -30.41
C ALA A 238 13.62 2.11 -29.42
N CYS A 239 14.04 0.90 -29.81
CA CYS A 239 13.99 -0.23 -28.89
C CYS A 239 14.93 0.02 -27.71
N GLU A 240 14.48 -0.41 -26.52
CA GLU A 240 15.28 -0.38 -25.32
C GLU A 240 16.22 -1.58 -25.33
N GLY A 241 17.52 -1.31 -25.44
CA GLY A 241 18.56 -2.33 -25.59
C GLY A 241 18.32 -3.20 -26.83
N THR A 242 18.64 -4.48 -26.70
CA THR A 242 18.53 -5.44 -27.79
C THR A 242 17.58 -6.58 -27.37
N SER A 243 16.56 -6.24 -26.57
CA SER A 243 15.46 -7.13 -26.21
C SER A 243 14.33 -6.99 -27.23
N TYR A 244 14.04 -8.09 -27.93
CA TYR A 244 13.04 -8.10 -29.00
C TYR A 244 11.99 -9.16 -28.68
N LEU A 245 10.76 -8.93 -29.17
CA LEU A 245 9.72 -9.94 -29.13
C LEU A 245 10.02 -10.98 -30.23
N ASN A 246 10.78 -12.02 -29.87
CA ASN A 246 11.28 -12.96 -30.87
C ASN A 246 11.08 -14.41 -30.42
N ASP A 247 10.14 -14.65 -29.49
CA ASP A 247 9.94 -15.98 -28.92
C ASP A 247 8.47 -16.39 -29.00
N PRO A 248 8.15 -17.68 -28.75
CA PRO A 248 6.78 -18.16 -28.85
C PRO A 248 5.85 -17.90 -27.64
N TYR A 249 6.26 -17.04 -26.71
CA TYR A 249 5.49 -16.82 -25.48
C TYR A 249 4.54 -15.63 -25.73
N GLU A 250 4.25 -14.82 -24.71
CA GLU A 250 3.09 -13.93 -24.75
C GLU A 250 3.28 -12.85 -25.83
N GLY A 251 4.55 -12.52 -26.12
CA GLY A 251 4.91 -11.48 -27.09
C GLY A 251 4.45 -11.80 -28.52
N GLU A 252 4.11 -13.08 -28.77
CA GLU A 252 3.75 -13.51 -30.11
C GLU A 252 2.42 -12.88 -30.54
N LEU A 253 1.57 -12.52 -29.56
CA LEU A 253 0.31 -11.84 -29.86
C LEU A 253 0.60 -10.51 -30.58
N PHE A 254 1.65 -9.80 -30.16
CA PHE A 254 1.96 -8.51 -30.76
C PHE A 254 2.53 -8.71 -32.18
N THR A 255 3.33 -9.76 -32.39
CA THR A 255 3.83 -10.13 -33.71
C THR A 255 2.66 -10.17 -34.71
N TRP A 256 1.58 -10.88 -34.34
CA TRP A 256 0.39 -11.01 -35.19
C TRP A 256 -0.24 -9.64 -35.46
N TRP A 257 -0.27 -8.78 -34.43
CA TRP A 257 -0.83 -7.43 -34.58
C TRP A 257 -0.11 -6.69 -35.71
N LEU A 258 1.22 -6.72 -35.69
CA LEU A 258 2.06 -6.09 -36.71
C LEU A 258 1.80 -6.72 -38.08
N GLN A 259 1.72 -8.05 -38.13
CA GLN A 259 1.59 -8.76 -39.40
C GLN A 259 0.29 -8.38 -40.10
N PHE A 260 -0.84 -8.48 -39.37
CA PHE A 260 -2.14 -8.31 -39.97
C PHE A 260 -2.48 -6.83 -40.22
N PHE A 261 -2.03 -5.94 -39.32
CA PHE A 261 -2.58 -4.58 -39.26
C PHE A 261 -1.53 -3.48 -39.38
N GLY A 262 -0.24 -3.82 -39.38
CA GLY A 262 0.82 -2.84 -39.21
C GLY A 262 1.24 -2.17 -40.51
N GLY A 263 0.85 -2.76 -41.66
CA GLY A 263 1.24 -2.27 -42.99
C GLY A 263 2.65 -2.69 -43.36
N LEU A 264 3.10 -3.84 -42.86
CA LEU A 264 4.43 -4.38 -43.17
C LEU A 264 4.40 -5.00 -44.58
N SER A 265 5.55 -4.99 -45.27
CA SER A 265 5.70 -5.69 -46.57
C SER A 265 5.67 -7.20 -46.33
N ASP A 266 5.48 -7.96 -47.41
CA ASP A 266 5.51 -9.44 -47.34
C ASP A 266 6.91 -9.89 -46.89
N ALA A 267 7.96 -9.20 -47.34
CA ALA A 267 9.35 -9.51 -46.93
C ALA A 267 9.55 -9.25 -45.42
N ASP A 268 8.89 -8.22 -44.90
CA ASP A 268 9.00 -7.88 -43.47
C ASP A 268 8.25 -8.92 -42.63
N ILE A 269 7.10 -9.39 -43.12
CA ILE A 269 6.32 -10.45 -42.46
C ILE A 269 7.16 -11.73 -42.39
N GLU A 270 7.77 -12.11 -43.52
CA GLU A 270 8.69 -13.26 -43.58
C GLU A 270 9.81 -13.06 -42.56
N ALA A 271 10.35 -11.84 -42.47
CA ALA A 271 11.44 -11.50 -41.55
C ALA A 271 11.02 -11.70 -40.09
N LEU A 272 9.76 -11.36 -39.75
CA LEU A 272 9.25 -11.52 -38.37
C LEU A 272 9.42 -12.98 -37.93
N TRP A 273 8.94 -13.90 -38.78
CA TRP A 273 8.89 -15.32 -38.45
C TRP A 273 10.29 -15.94 -38.54
N GLU A 274 11.13 -15.41 -39.43
CA GLU A 274 12.49 -15.91 -39.60
C GLU A 274 13.32 -15.57 -38.36
N TYR A 275 13.17 -14.35 -37.86
CA TYR A 275 13.89 -13.90 -36.68
C TYR A 275 13.39 -14.64 -35.42
N LYS A 276 12.12 -15.06 -35.44
CA LYS A 276 11.50 -15.79 -34.32
C LYS A 276 11.92 -17.26 -34.30
N ARG A 277 12.32 -17.80 -35.45
CA ARG A 277 12.41 -19.26 -35.66
C ARG A 277 13.37 -19.90 -34.67
N PRO A 278 14.57 -19.34 -34.40
CA PRO A 278 15.53 -19.96 -33.48
C PRO A 278 15.06 -20.11 -32.02
N GLN A 279 13.98 -19.41 -31.63
CA GLN A 279 13.46 -19.45 -30.25
C GLN A 279 12.31 -20.46 -30.14
N LEU A 280 11.89 -21.05 -31.26
CA LEU A 280 10.92 -22.14 -31.29
C LEU A 280 11.69 -23.46 -31.37
N VAL A 281 11.73 -24.21 -30.27
CA VAL A 281 12.63 -25.36 -30.09
C VAL A 281 11.86 -26.53 -29.46
N SER A 282 12.10 -27.73 -29.99
CA SER A 282 11.59 -28.99 -29.46
C SER A 282 12.57 -29.58 -28.45
N VAL A 283 12.09 -29.93 -27.26
CA VAL A 283 12.87 -30.60 -26.22
C VAL A 283 12.00 -31.68 -25.58
N ASP A 284 12.66 -32.68 -24.99
CA ASP A 284 11.99 -33.81 -24.38
C ASP A 284 12.15 -33.74 -22.86
N TYR A 285 11.02 -33.67 -22.14
CA TYR A 285 11.00 -33.81 -20.69
C TYR A 285 11.13 -35.31 -20.34
N HIS A 286 12.02 -35.63 -19.40
CA HIS A 286 12.22 -37.02 -19.00
C HIS A 286 12.88 -37.05 -17.62
N ILE A 287 12.08 -37.30 -16.58
CA ILE A 287 12.58 -37.40 -15.20
C ILE A 287 11.89 -38.59 -14.53
N GLY A 288 12.71 -39.42 -13.85
CA GLY A 288 12.29 -40.70 -13.33
C GLY A 288 11.62 -41.52 -14.42
N ASN A 289 10.44 -42.06 -14.12
CA ASN A 289 9.71 -42.91 -15.06
C ASN A 289 8.65 -42.08 -15.81
N VAL A 290 8.84 -40.76 -15.88
CA VAL A 290 7.94 -39.88 -16.62
C VAL A 290 8.65 -39.38 -17.88
N GLY A 291 8.20 -39.87 -19.04
CA GLY A 291 8.66 -39.42 -20.34
C GLY A 291 9.42 -40.50 -21.10
N PRO A 292 10.06 -40.12 -22.21
CA PRO A 292 10.14 -38.75 -22.68
C PRO A 292 8.80 -38.17 -23.19
N ILE A 293 8.59 -36.87 -22.93
CA ILE A 293 7.46 -36.09 -23.45
C ILE A 293 8.02 -34.88 -24.22
N THR A 294 7.76 -34.84 -25.54
CA THR A 294 8.22 -33.74 -26.38
C THR A 294 7.37 -32.49 -26.11
N VAL A 295 8.04 -31.38 -25.77
CA VAL A 295 7.37 -30.12 -25.52
C VAL A 295 8.08 -29.00 -26.28
N GLN A 296 7.36 -27.88 -26.44
CA GLN A 296 7.95 -26.58 -26.79
C GLN A 296 8.80 -26.09 -25.61
N LYS A 297 10.09 -25.88 -25.85
CA LYS A 297 11.00 -25.37 -24.84
C LYS A 297 10.50 -24.00 -24.35
N GLY A 298 10.42 -23.85 -23.03
CA GLY A 298 9.91 -22.65 -22.40
C GLY A 298 11.01 -21.67 -22.09
N TYR A 299 10.63 -20.46 -21.66
CA TYR A 299 11.58 -19.52 -21.11
C TYR A 299 12.01 -20.05 -19.73
N TRP A 300 11.06 -20.11 -18.78
CA TRP A 300 11.22 -20.89 -17.53
C TRP A 300 10.35 -22.15 -17.57
N PHE A 301 9.45 -22.24 -18.56
CA PHE A 301 8.29 -23.14 -18.54
C PHE A 301 7.38 -22.78 -17.36
N SER A 302 7.34 -21.49 -17.04
CA SER A 302 6.26 -20.90 -16.26
C SER A 302 4.96 -20.99 -17.07
N SER A 303 3.85 -21.30 -16.38
CA SER A 303 2.53 -21.42 -17.02
C SER A 303 2.16 -20.14 -17.79
N HIS A 304 2.54 -18.98 -17.25
N HIS A 304 2.54 -18.98 -17.25
CA HIS A 304 2.25 -17.65 -17.80
CA HIS A 304 2.25 -17.65 -17.80
C HIS A 304 2.59 -17.58 -19.29
C HIS A 304 2.59 -17.58 -19.29
N GLU A 305 3.67 -18.28 -19.69
CA GLU A 305 4.24 -18.22 -21.05
C GLU A 305 3.26 -18.71 -22.12
N THR A 306 2.22 -19.46 -21.72
CA THR A 306 1.27 -20.11 -22.61
C THR A 306 0.07 -19.19 -22.89
N TRP A 307 0.09 -17.97 -22.35
CA TRP A 307 -1.07 -17.07 -22.34
C TRP A 307 -1.70 -16.88 -23.73
N LYS A 308 -0.89 -16.86 -24.80
CA LYS A 308 -1.34 -16.54 -26.16
C LYS A 308 -2.51 -17.43 -26.60
N VAL A 309 -2.55 -18.68 -26.13
CA VAL A 309 -3.55 -19.64 -26.61
C VAL A 309 -4.95 -19.26 -26.11
N LEU A 310 -5.05 -18.37 -25.12
CA LEU A 310 -6.35 -17.91 -24.66
C LEU A 310 -6.89 -16.76 -25.52
N GLU A 311 -6.06 -16.18 -26.39
CA GLU A 311 -6.46 -14.97 -27.13
C GLU A 311 -6.62 -15.23 -28.63
N MET A 312 -5.92 -16.24 -29.18
CA MET A 312 -6.01 -16.55 -30.60
C MET A 312 -6.18 -18.06 -30.76
N PRO A 313 -6.82 -18.54 -31.85
CA PRO A 313 -7.15 -19.97 -31.99
C PRO A 313 -5.97 -20.87 -32.39
N TYR A 314 -4.92 -20.87 -31.57
CA TYR A 314 -3.77 -21.75 -31.75
C TYR A 314 -4.20 -23.22 -31.76
N TYR A 315 -5.22 -23.57 -30.96
CA TYR A 315 -5.58 -24.96 -30.74
C TYR A 315 -6.51 -25.47 -31.87
N ASP A 316 -6.83 -24.60 -32.84
CA ASP A 316 -7.47 -25.05 -34.10
C ASP A 316 -6.47 -25.87 -34.93
N ILE A 317 -5.17 -25.71 -34.67
CA ILE A 317 -4.11 -26.42 -35.40
C ILE A 317 -3.69 -27.64 -34.57
N ASP A 318 -3.84 -28.83 -35.16
CA ASP A 318 -3.73 -30.10 -34.41
C ASP A 318 -2.31 -30.29 -33.86
N ILE A 319 -1.27 -30.03 -34.66
CA ILE A 319 0.11 -30.20 -34.19
C ILE A 319 0.36 -29.28 -32.98
N ILE A 320 -0.22 -28.08 -33.00
CA ILE A 320 -0.04 -27.13 -31.91
C ILE A 320 -0.77 -27.64 -30.67
N ARG A 321 -2.03 -28.04 -30.84
CA ARG A 321 -2.83 -28.60 -29.75
C ARG A 321 -2.09 -29.77 -29.09
N ARG A 322 -1.50 -30.67 -29.91
CA ARG A 322 -0.79 -31.86 -29.41
C ARG A 322 0.46 -31.44 -28.63
N VAL A 323 1.22 -30.46 -29.13
CA VAL A 323 2.45 -29.97 -28.49
C VAL A 323 2.10 -29.32 -27.14
N PHE A 324 1.01 -28.54 -27.09
CA PHE A 324 0.61 -27.84 -25.87
C PHE A 324 -0.10 -28.81 -24.89
N GLN A 325 -0.74 -29.87 -25.41
CA GLN A 325 -1.28 -30.93 -24.56
C GLN A 325 -0.11 -31.63 -23.85
N ASN A 326 0.96 -31.89 -24.60
CA ASN A 326 2.17 -32.52 -24.05
C ASN A 326 2.73 -31.66 -22.91
N ALA A 327 2.67 -30.34 -23.05
CA ALA A 327 3.15 -29.42 -22.00
C ALA A 327 2.52 -29.77 -20.65
N GLU A 328 1.23 -30.12 -20.66
CA GLU A 328 0.44 -30.33 -19.45
C GLU A 328 0.68 -31.73 -18.90
N ARG A 329 1.06 -32.68 -19.78
CA ARG A 329 1.52 -33.98 -19.33
C ARG A 329 2.79 -33.78 -18.50
N ALA A 330 3.70 -32.98 -19.05
CA ALA A 330 4.98 -32.69 -18.41
C ALA A 330 4.74 -31.88 -17.13
N ARG A 331 3.85 -30.89 -17.17
CA ARG A 331 3.67 -29.94 -16.07
C ARG A 331 3.09 -30.66 -14.85
N THR A 332 2.02 -31.43 -15.05
CA THR A 332 1.36 -32.13 -13.94
C THR A 332 2.28 -33.21 -13.38
N CYS A 333 2.80 -34.08 -14.26
CA CYS A 333 3.59 -35.24 -13.84
C CYS A 333 4.94 -34.80 -13.25
N ASN A 334 5.46 -33.65 -13.70
CA ASN A 334 6.72 -33.13 -13.16
C ASN A 334 6.57 -32.86 -11.66
N SER A 335 5.40 -32.34 -11.27
CA SER A 335 5.17 -31.99 -9.88
C SER A 335 5.00 -33.26 -9.04
N VAL A 336 4.38 -34.30 -9.63
CA VAL A 336 4.22 -35.60 -8.98
C VAL A 336 5.60 -36.23 -8.76
N VAL A 337 6.44 -36.27 -9.79
CA VAL A 337 7.72 -36.99 -9.71
C VAL A 337 8.71 -36.20 -8.82
N THR A 338 8.57 -34.87 -8.74
CA THR A 338 9.44 -34.05 -7.87
C THR A 338 8.75 -33.77 -6.53
N GLN A 339 7.56 -34.35 -6.32
CA GLN A 339 6.85 -34.35 -5.03
C GLN A 339 6.50 -32.92 -4.59
N VAL A 340 5.90 -32.16 -5.51
CA VAL A 340 5.47 -30.78 -5.28
C VAL A 340 3.94 -30.77 -5.26
N PRO A 341 3.29 -30.20 -4.22
CA PRO A 341 1.83 -30.19 -4.13
C PRO A 341 1.11 -29.09 -4.93
N GLY A 342 1.80 -28.54 -5.93
CA GLY A 342 1.24 -27.61 -6.90
C GLY A 342 2.11 -27.52 -8.13
N MET A 343 1.95 -26.43 -8.89
CA MET A 343 2.76 -26.21 -10.09
C MET A 343 3.24 -24.75 -10.10
N PHE A 344 4.10 -24.43 -11.07
CA PHE A 344 4.97 -23.25 -11.01
C PHE A 344 4.63 -22.23 -12.09
N ALA A 345 4.70 -20.96 -11.69
CA ALA A 345 4.57 -19.83 -12.59
C ALA A 345 5.14 -18.59 -11.90
N SER A 346 5.55 -17.61 -12.71
CA SER A 346 5.96 -16.31 -12.24
C SER A 346 4.88 -15.74 -11.31
N ILE A 347 5.31 -15.26 -10.14
CA ILE A 347 4.40 -15.00 -9.04
C ILE A 347 5.07 -14.11 -7.99
N ASN A 348 4.24 -13.38 -7.25
CA ASN A 348 4.70 -12.66 -6.07
C ASN A 348 5.13 -13.66 -5.00
N ASN A 349 6.18 -13.29 -4.27
CA ASN A 349 6.75 -14.05 -3.17
C ASN A 349 5.85 -13.86 -1.94
N VAL A 350 6.19 -14.56 -0.86
CA VAL A 350 5.39 -14.55 0.39
C VAL A 350 5.40 -13.14 1.00
N THR A 351 4.37 -12.89 1.82
CA THR A 351 4.25 -11.74 2.68
C THR A 351 5.07 -11.99 3.95
N ASP A 352 5.81 -10.96 4.38
CA ASP A 352 6.42 -10.93 5.72
C ASP A 352 5.33 -10.51 6.69
N PRO A 353 4.86 -11.42 7.57
CA PRO A 353 3.73 -11.10 8.45
C PRO A 353 3.97 -9.86 9.34
N ALA A 354 5.24 -9.61 9.69
CA ALA A 354 5.62 -8.51 10.58
C ALA A 354 5.39 -7.14 9.91
N THR A 355 5.63 -7.06 8.60
CA THR A 355 5.52 -5.80 7.85
C THR A 355 4.20 -5.72 7.08
N GLY A 356 3.69 -6.86 6.61
CA GLY A 356 2.55 -6.92 5.70
C GLY A 356 2.96 -6.74 4.24
N ASP A 357 4.28 -6.71 3.99
CA ASP A 357 4.82 -6.43 2.66
C ASP A 357 5.25 -7.75 2.00
N VAL A 358 4.96 -7.86 0.70
CA VAL A 358 5.49 -8.92 -0.14
C VAL A 358 7.00 -8.74 -0.24
N VAL A 359 7.76 -9.83 -0.08
CA VAL A 359 9.23 -9.74 0.06
C VAL A 359 9.91 -9.60 -1.31
N GLY A 360 9.18 -9.88 -2.40
CA GLY A 360 9.69 -9.71 -3.78
C GLY A 360 8.82 -10.44 -4.78
N TYR A 361 9.26 -10.46 -6.04
CA TYR A 361 8.57 -11.16 -7.13
C TYR A 361 9.49 -12.26 -7.68
N ILE A 362 8.92 -13.47 -7.85
CA ILE A 362 9.64 -14.63 -8.39
C ILE A 362 9.22 -14.82 -9.84
N SER A 363 10.05 -14.34 -10.77
CA SER A 363 9.84 -14.53 -12.21
C SER A 363 10.18 -15.96 -12.63
N ASN A 364 11.28 -16.50 -12.08
CA ASN A 364 11.96 -17.68 -12.64
C ASN A 364 11.47 -18.97 -11.96
N ALA A 365 10.15 -19.20 -12.01
CA ALA A 365 9.54 -20.39 -11.43
C ALA A 365 8.84 -21.19 -12.55
N GLY A 366 9.39 -22.38 -12.85
CA GLY A 366 8.84 -23.27 -13.87
C GLY A 366 9.43 -24.66 -13.79
N ILE A 367 9.96 -25.15 -14.92
CA ILE A 367 10.50 -26.50 -15.05
C ILE A 367 11.84 -26.41 -15.75
N PRO A 368 12.95 -26.37 -14.98
CA PRO A 368 14.29 -26.11 -15.52
C PRO A 368 14.74 -26.96 -16.72
N SER A 369 14.45 -28.28 -16.69
CA SER A 369 14.97 -29.24 -17.68
C SER A 369 14.40 -29.00 -19.09
N ILE A 370 13.27 -28.27 -19.18
CA ILE A 370 12.62 -27.97 -20.47
C ILE A 370 12.51 -26.45 -20.65
N ALA A 371 13.51 -25.73 -20.14
CA ALA A 371 13.51 -24.27 -20.10
C ALA A 371 14.84 -23.73 -20.65
N ASN A 372 14.75 -22.56 -21.28
CA ASN A 372 15.91 -21.79 -21.73
C ASN A 372 16.71 -21.33 -20.51
N GLN A 373 16.01 -20.82 -19.49
CA GLN A 373 16.59 -20.31 -18.24
C GLN A 373 16.49 -21.39 -17.16
N THR A 374 17.61 -22.04 -16.86
CA THR A 374 17.63 -23.21 -15.98
C THR A 374 17.79 -22.80 -14.50
N ILE A 375 18.24 -21.57 -14.24
CA ILE A 375 18.41 -21.09 -12.87
C ILE A 375 17.05 -20.63 -12.36
N GLN A 376 16.45 -21.41 -11.45
CA GLN A 376 15.05 -21.23 -11.07
C GLN A 376 14.89 -21.32 -9.55
N GLU A 377 13.91 -20.56 -9.05
CA GLU A 377 13.42 -20.64 -7.68
C GLU A 377 12.10 -21.41 -7.69
N LEU A 378 12.05 -22.52 -6.94
CA LEU A 378 10.96 -23.50 -6.96
C LEU A 378 10.40 -23.75 -5.55
N ASP A 379 10.49 -22.76 -4.67
CA ASP A 379 9.98 -22.90 -3.30
C ASP A 379 8.54 -22.39 -3.20
N VAL A 380 8.04 -21.67 -4.23
CA VAL A 380 6.70 -21.03 -4.20
C VAL A 380 5.85 -21.53 -5.37
N ILE A 381 4.63 -21.99 -5.05
CA ILE A 381 3.65 -22.52 -6.01
C ILE A 381 2.43 -21.61 -5.99
N THR A 382 1.64 -21.64 -7.07
CA THR A 382 0.51 -20.71 -7.22
C THR A 382 -0.64 -21.40 -7.93
N PRO A 383 -1.90 -21.17 -7.49
CA PRO A 383 -3.07 -21.75 -8.17
C PRO A 383 -3.17 -21.48 -9.67
N TYR A 384 -2.71 -20.29 -10.14
CA TYR A 384 -2.93 -19.91 -11.54
C TYR A 384 -2.05 -20.74 -12.49
N SER A 385 -1.05 -21.44 -11.94
CA SER A 385 -0.21 -22.39 -12.71
C SER A 385 -1.06 -23.44 -13.45
N VAL A 386 -2.30 -23.65 -13.00
CA VAL A 386 -3.21 -24.66 -13.57
C VAL A 386 -3.88 -24.16 -14.86
N PHE A 387 -3.80 -22.86 -15.18
CA PHE A 387 -4.71 -22.33 -16.23
C PHE A 387 -4.50 -23.09 -17.54
N PRO A 388 -3.26 -23.44 -17.96
CA PRO A 388 -3.07 -24.17 -19.23
C PRO A 388 -3.59 -25.61 -19.18
N THR A 389 -3.55 -26.22 -18.00
CA THR A 389 -4.10 -27.56 -17.76
C THR A 389 -5.62 -27.53 -17.91
N VAL A 390 -6.25 -26.47 -17.37
CA VAL A 390 -7.69 -26.29 -17.38
C VAL A 390 -8.22 -26.32 -18.83
N LEU A 391 -7.47 -25.74 -19.78
CA LEU A 391 -7.90 -25.67 -21.20
C LEU A 391 -8.05 -27.08 -21.80
N PHE A 392 -7.26 -28.04 -21.31
CA PHE A 392 -7.26 -29.41 -21.84
C PHE A 392 -8.13 -30.34 -20.99
N ASP A 393 -8.19 -30.10 -19.68
CA ASP A 393 -8.91 -30.98 -18.75
C ASP A 393 -9.25 -30.19 -17.48
N LYS A 394 -10.49 -29.69 -17.41
CA LYS A 394 -10.99 -28.85 -16.32
C LYS A 394 -10.90 -29.58 -14.98
N GLY A 395 -11.17 -30.89 -14.97
CA GLY A 395 -11.14 -31.70 -13.76
C GLY A 395 -9.76 -31.75 -13.15
N VAL A 396 -8.77 -32.09 -13.98
CA VAL A 396 -7.39 -32.23 -13.52
C VAL A 396 -6.88 -30.85 -13.10
N GLY A 397 -7.15 -29.83 -13.93
CA GLY A 397 -6.81 -28.43 -13.63
C GLY A 397 -7.30 -28.02 -12.25
N MET A 398 -8.59 -28.27 -11.99
CA MET A 398 -9.24 -27.88 -10.75
C MET A 398 -8.77 -28.75 -9.58
N ALA A 399 -8.37 -30.00 -9.84
CA ALA A 399 -7.84 -30.88 -8.79
C ALA A 399 -6.53 -30.29 -8.26
N TRP A 400 -5.69 -29.82 -9.18
CA TRP A 400 -4.42 -29.16 -8.85
C TRP A 400 -4.71 -27.83 -8.14
N TRP A 401 -5.66 -27.06 -8.67
CA TRP A 401 -6.10 -25.79 -8.08
C TRP A 401 -6.53 -26.02 -6.62
N ARG A 402 -7.36 -27.04 -6.42
CA ARG A 402 -7.90 -27.40 -5.10
C ARG A 402 -6.75 -27.73 -4.14
N ASN A 403 -5.80 -28.55 -4.61
CA ASN A 403 -4.70 -29.03 -3.79
C ASN A 403 -3.92 -27.83 -3.22
N MET A 404 -3.72 -26.80 -4.04
CA MET A 404 -3.03 -25.59 -3.59
C MET A 404 -3.94 -24.73 -2.71
N ALA A 405 -5.22 -24.62 -3.07
CA ALA A 405 -6.18 -23.75 -2.38
C ALA A 405 -6.46 -24.24 -0.95
N ILE A 406 -6.30 -25.55 -0.70
CA ILE A 406 -6.49 -26.14 0.63
C ILE A 406 -5.32 -25.80 1.56
N GLY A 407 -4.16 -25.43 1.01
CA GLY A 407 -3.09 -24.88 1.83
C GLY A 407 -3.61 -23.79 2.75
N LYS A 408 -3.01 -23.66 3.94
CA LYS A 408 -3.44 -22.67 4.89
C LYS A 408 -3.35 -21.28 4.23
N LYS A 409 -4.43 -20.49 4.41
CA LYS A 409 -4.57 -19.09 3.97
C LYS A 409 -4.69 -18.96 2.44
N MET A 410 -5.02 -20.05 1.74
CA MET A 410 -4.95 -20.02 0.28
C MET A 410 -6.34 -19.77 -0.34
N GLN A 411 -7.37 -19.62 0.51
CA GLN A 411 -8.64 -19.03 0.11
C GLN A 411 -8.92 -17.81 1.00
N ASN A 412 -9.66 -16.86 0.42
CA ASN A 412 -10.04 -15.63 1.08
C ASN A 412 -11.39 -15.20 0.52
N ILE A 413 -11.95 -14.12 1.06
CA ILE A 413 -13.30 -13.65 0.69
C ILE A 413 -13.30 -13.05 -0.72
N TYR A 414 -12.14 -13.03 -1.39
CA TYR A 414 -12.05 -12.64 -2.80
C TYR A 414 -11.59 -13.82 -3.67
N GLY A 415 -11.72 -15.06 -3.16
CA GLY A 415 -11.33 -16.28 -3.89
C GLY A 415 -9.95 -16.78 -3.50
N SER A 416 -9.15 -17.23 -4.48
CA SER A 416 -7.84 -17.82 -4.22
C SER A 416 -6.83 -16.73 -3.82
N THR A 417 -5.85 -17.15 -3.03
CA THR A 417 -4.72 -16.33 -2.60
C THR A 417 -3.59 -16.49 -3.63
N GLU A 418 -2.75 -15.45 -3.73
CA GLU A 418 -1.69 -15.32 -4.76
C GLU A 418 -0.86 -16.60 -4.86
N SER A 419 -0.23 -17.00 -3.75
CA SER A 419 0.76 -18.07 -3.77
C SER A 419 1.04 -18.59 -2.36
N THR A 420 1.64 -19.79 -2.30
CA THR A 420 2.11 -20.41 -1.07
C THR A 420 3.49 -21.05 -1.31
N ARG A 421 4.32 -21.03 -0.27
CA ARG A 421 5.49 -21.88 -0.24
C ARG A 421 5.01 -23.34 -0.31
N ARG A 422 5.74 -24.16 -1.07
CA ARG A 422 5.37 -25.57 -1.22
C ARG A 422 5.57 -26.31 0.11
N ASP A 423 6.39 -25.75 1.02
CA ASP A 423 6.61 -26.35 2.35
C ASP A 423 5.60 -25.78 3.37
N GLY A 424 4.75 -24.85 2.93
CA GLY A 424 3.62 -24.34 3.72
C GLY A 424 4.03 -23.43 4.88
N THR A 425 5.23 -22.88 4.86
CA THR A 425 5.74 -22.02 5.96
C THR A 425 5.48 -20.53 5.67
N GLY A 426 4.98 -20.22 4.48
CA GLY A 426 4.68 -18.84 4.10
C GLY A 426 3.67 -18.76 2.96
N VAL A 427 3.00 -17.59 2.86
CA VAL A 427 1.96 -17.32 1.88
C VAL A 427 2.12 -15.87 1.41
N SER A 428 1.80 -15.61 0.14
CA SER A 428 1.68 -14.27 -0.38
C SER A 428 0.24 -13.78 -0.13
N ALA A 429 0.07 -12.93 0.89
CA ALA A 429 -1.24 -12.44 1.32
C ALA A 429 -1.67 -11.30 0.39
N LEU A 430 -2.06 -11.69 -0.83
CA LEU A 430 -2.15 -10.79 -1.95
C LEU A 430 -3.15 -11.36 -2.96
N LEU A 431 -3.78 -10.46 -3.71
CA LEU A 431 -4.63 -10.77 -4.85
C LEU A 431 -4.11 -9.99 -6.06
N THR A 432 -3.98 -10.67 -7.21
CA THR A 432 -3.67 -10.01 -8.48
C THR A 432 -4.52 -10.65 -9.59
N TRP A 433 -4.76 -9.89 -10.68
CA TRP A 433 -5.45 -10.41 -11.84
C TRP A 433 -4.69 -11.62 -12.40
N ASP A 434 -3.34 -11.50 -12.41
CA ASP A 434 -2.47 -12.50 -13.01
C ASP A 434 -2.64 -13.85 -12.31
N SER A 435 -2.75 -13.85 -10.96
CA SER A 435 -2.78 -15.10 -10.16
C SER A 435 -4.19 -15.67 -10.00
N LYS A 436 -5.21 -14.96 -10.49
CA LYS A 436 -6.61 -15.31 -10.19
C LYS A 436 -7.47 -15.38 -11.46
N VAL A 437 -7.45 -14.32 -12.27
CA VAL A 437 -8.41 -14.15 -13.36
C VAL A 437 -7.85 -14.75 -14.65
N SER A 438 -6.56 -15.07 -14.67
CA SER A 438 -5.98 -15.94 -15.68
C SER A 438 -6.74 -17.28 -15.68
N THR A 439 -6.87 -17.86 -14.48
CA THR A 439 -7.56 -19.14 -14.29
C THR A 439 -9.04 -19.01 -14.69
N VAL A 440 -9.67 -17.92 -14.29
CA VAL A 440 -11.06 -17.68 -14.61
C VAL A 440 -11.23 -17.70 -16.13
N ASN A 441 -10.35 -16.99 -16.84
CA ASN A 441 -10.43 -16.86 -18.29
C ASN A 441 -10.20 -18.23 -18.94
N ALA A 442 -9.35 -19.08 -18.34
CA ALA A 442 -9.14 -20.46 -18.85
C ALA A 442 -10.41 -21.30 -18.64
N ILE A 443 -11.08 -21.14 -17.49
CA ILE A 443 -12.33 -21.82 -17.20
C ILE A 443 -13.39 -21.44 -18.25
N LEU A 444 -13.37 -20.19 -18.71
CA LEU A 444 -14.36 -19.67 -19.69
C LEU A 444 -13.96 -20.07 -21.12
N GLY A 445 -12.81 -20.71 -21.27
CA GLY A 445 -12.34 -21.27 -22.54
C GLY A 445 -11.51 -20.28 -23.36
N GLY A 446 -10.99 -19.23 -22.72
CA GLY A 446 -10.32 -18.14 -23.45
C GLY A 446 -11.28 -17.40 -24.35
N VAL A 447 -10.75 -16.51 -25.21
CA VAL A 447 -11.58 -15.74 -26.13
C VAL A 447 -11.23 -16.11 -27.58
N SER A 448 -10.52 -17.23 -27.79
CA SER A 448 -10.04 -17.61 -29.12
C SER A 448 -11.22 -17.85 -30.08
N GLY A 449 -12.33 -18.40 -29.56
CA GLY A 449 -13.58 -18.56 -30.30
C GLY A 449 -14.08 -17.23 -30.88
N LEU A 450 -14.24 -16.23 -30.01
CA LEU A 450 -14.69 -14.88 -30.44
C LEU A 450 -13.71 -14.32 -31.49
N VAL A 451 -12.41 -14.45 -31.21
CA VAL A 451 -11.36 -13.88 -32.05
C VAL A 451 -11.38 -14.54 -33.43
N SER A 452 -11.50 -15.87 -33.48
CA SER A 452 -11.49 -16.60 -34.75
C SER A 452 -12.72 -16.21 -35.59
N GLN A 453 -13.86 -15.92 -34.95
CA GLN A 453 -15.05 -15.48 -35.68
C GLN A 453 -14.72 -14.19 -36.43
N LYS A 454 -14.15 -13.21 -35.72
CA LYS A 454 -13.84 -11.90 -36.28
C LYS A 454 -12.72 -12.05 -37.32
N MET A 455 -11.73 -12.91 -37.03
CA MET A 455 -10.63 -13.19 -37.96
C MET A 455 -11.16 -13.76 -39.29
N LYS A 456 -12.11 -14.69 -39.20
CA LYS A 456 -12.72 -15.30 -40.38
C LYS A 456 -13.48 -14.21 -41.16
N ALA A 457 -14.24 -13.37 -40.46
CA ALA A 457 -15.03 -12.31 -41.10
C ALA A 457 -14.12 -11.29 -41.80
N GLU A 458 -12.89 -11.10 -41.30
CA GLU A 458 -11.93 -10.11 -41.84
C GLU A 458 -10.86 -10.80 -42.71
N ASN A 459 -11.07 -12.10 -42.98
CA ASN A 459 -10.30 -12.92 -43.89
C ASN A 459 -8.81 -12.91 -43.53
N ILE A 460 -8.50 -13.04 -42.24
CA ILE A 460 -7.11 -13.21 -41.78
C ILE A 460 -6.95 -14.58 -41.08
N TYR A 461 -8.05 -15.29 -40.84
CA TYR A 461 -8.02 -16.60 -40.17
C TYR A 461 -7.14 -17.58 -40.95
N ASN A 462 -7.34 -17.67 -42.27
CA ASN A 462 -6.65 -18.67 -43.10
C ASN A 462 -5.14 -18.40 -43.08
N THR A 463 -4.77 -17.11 -43.09
CA THR A 463 -3.37 -16.71 -43.01
C THR A 463 -2.76 -17.15 -41.68
N PHE A 464 -3.47 -16.90 -40.58
CA PHE A 464 -3.03 -17.31 -39.24
C PHE A 464 -2.71 -18.81 -39.25
N VAL A 465 -3.69 -19.60 -39.68
CA VAL A 465 -3.60 -21.07 -39.66
C VAL A 465 -2.40 -21.52 -40.50
N GLU A 466 -2.35 -21.05 -41.75
CA GLU A 466 -1.30 -21.44 -42.69
C GLU A 466 0.07 -21.16 -42.09
N ARG A 467 0.25 -19.93 -41.58
CA ARG A 467 1.53 -19.47 -41.08
C ARG A 467 1.92 -20.28 -39.84
N ILE A 468 1.02 -20.39 -38.86
CA ILE A 468 1.39 -20.91 -37.54
C ILE A 468 1.52 -22.44 -37.62
N GLU A 469 0.72 -23.08 -38.48
CA GLU A 469 0.86 -24.53 -38.70
C GLU A 469 2.23 -24.83 -39.33
N ALA A 470 2.62 -24.03 -40.33
CA ALA A 470 3.92 -24.15 -40.99
C ALA A 470 5.06 -24.03 -39.97
N GLU A 471 5.03 -22.99 -39.13
CA GLU A 471 6.12 -22.74 -38.22
C GLU A 471 6.26 -23.90 -37.23
N TYR A 472 5.13 -24.34 -36.66
CA TYR A 472 5.11 -25.39 -35.63
C TYR A 472 5.45 -26.75 -36.25
N SER A 473 4.86 -27.08 -37.41
CA SER A 473 5.08 -28.37 -38.05
C SER A 473 6.54 -28.53 -38.52
N ARG A 474 7.23 -27.41 -38.76
CA ARG A 474 8.64 -27.43 -39.18
C ARG A 474 9.55 -27.82 -38.01
N VAL A 475 9.16 -27.52 -36.77
CA VAL A 475 9.97 -27.77 -35.57
C VAL A 475 9.57 -29.11 -34.92
N PHE A 476 8.27 -29.36 -34.79
CA PHE A 476 7.75 -30.48 -33.98
C PHE A 476 7.32 -31.63 -34.91
N LYS A 477 8.24 -32.58 -35.13
CA LYS A 477 8.08 -33.57 -36.22
C LYS A 477 7.85 -35.01 -35.73
N ASN A 478 8.21 -35.32 -34.47
CA ASN A 478 8.37 -36.71 -34.04
C ASN A 478 7.95 -36.88 -32.57
N LEU A 479 6.75 -36.40 -32.23
CA LEU A 479 6.33 -36.23 -30.83
C LEU A 479 6.42 -37.57 -30.07
N LYS A 480 7.01 -37.50 -28.87
CA LYS A 480 7.01 -38.58 -27.90
C LYS A 480 6.12 -38.18 -26.72
N GLY A 481 5.62 -39.20 -26.01
CA GLY A 481 4.97 -39.06 -24.72
C GLY A 481 3.49 -38.72 -24.81
N GLU A 482 2.91 -38.86 -26.01
CA GLU A 482 1.50 -38.51 -26.20
C GLU A 482 0.58 -39.53 -25.52
N HIS A 483 1.14 -40.66 -25.07
CA HIS A 483 0.41 -41.70 -24.36
C HIS A 483 0.48 -41.47 -22.84
N VAL A 484 1.30 -40.51 -22.39
CA VAL A 484 1.49 -40.26 -20.96
C VAL A 484 0.28 -39.49 -20.44
N PRO A 485 -0.56 -40.09 -19.56
CA PRO A 485 -1.71 -39.40 -18.98
C PRO A 485 -1.29 -38.20 -18.11
N PHE A 486 -2.17 -37.20 -18.00
CA PHE A 486 -2.03 -36.15 -17.01
C PHE A 486 -1.98 -36.80 -15.63
N CYS A 487 -1.16 -36.24 -14.75
CA CYS A 487 -1.00 -36.75 -13.40
C CYS A 487 -1.86 -35.91 -12.45
N LEU A 488 -2.32 -36.54 -11.37
CA LEU A 488 -3.09 -35.88 -10.32
C LEU A 488 -2.15 -35.62 -9.14
N PRO A 489 -2.47 -34.61 -8.28
CA PRO A 489 -1.62 -34.31 -7.12
C PRO A 489 -1.50 -35.54 -6.19
N GLN A 490 -0.27 -35.84 -5.74
CA GLN A 490 0.01 -36.94 -4.83
C GLN A 490 0.50 -36.43 -3.47
N GLU A 491 0.88 -35.14 -3.37
CA GLU A 491 1.35 -34.53 -2.13
C GLU A 491 0.44 -33.33 -1.78
N THR A 492 0.27 -33.06 -0.47
CA THR A 492 -0.51 -31.91 0.02
C THR A 492 0.45 -30.82 0.49
N VAL A 493 -0.04 -29.58 0.56
CA VAL A 493 0.73 -28.47 1.12
C VAL A 493 0.88 -28.75 2.62
N PRO A 494 2.10 -28.88 3.17
CA PRO A 494 2.25 -29.13 4.61
C PRO A 494 1.57 -28.05 5.46
N ASP A 495 0.93 -28.47 6.54
CA ASP A 495 0.42 -27.57 7.57
C ASP A 495 1.51 -27.45 8.65
N THR A 496 2.05 -26.23 8.81
CA THR A 496 3.18 -25.96 9.68
C THR A 496 2.81 -24.96 10.78
N GLY A 497 1.52 -24.64 10.91
CA GLY A 497 1.04 -23.75 11.96
C GLY A 497 0.44 -22.45 11.44
N LEU A 498 0.52 -22.20 10.12
CA LEU A 498 -0.21 -21.05 9.55
C LEU A 498 -1.71 -21.22 9.83
N VAL A 499 -2.40 -20.10 10.04
CA VAL A 499 -3.82 -20.10 10.42
C VAL A 499 -4.62 -19.41 9.29
N ASP A 500 -5.67 -20.09 8.81
CA ASP A 500 -6.59 -19.54 7.81
C ASP A 500 -7.01 -18.12 8.22
N PHE A 501 -7.28 -17.28 7.21
CA PHE A 501 -7.82 -15.94 7.44
C PHE A 501 -9.11 -16.07 8.26
N THR A 502 -9.36 -15.11 9.16
CA THR A 502 -10.48 -15.23 10.11
C THR A 502 -11.82 -15.00 9.39
N THR A 503 -11.79 -14.39 8.20
CA THR A 503 -13.01 -14.17 7.42
C THR A 503 -13.27 -15.32 6.44
N CYS A 504 -12.34 -16.28 6.34
CA CYS A 504 -12.45 -17.38 5.38
C CYS A 504 -11.81 -18.65 5.96
N ASN A 505 -12.58 -19.35 6.80
CA ASN A 505 -12.12 -20.55 7.46
C ASN A 505 -13.29 -21.54 7.60
N PRO B 13 -5.52 30.20 -0.44
CA PRO B 13 -4.10 30.10 -0.73
C PRO B 13 -3.77 29.05 -1.80
N SER B 14 -2.78 29.34 -2.64
CA SER B 14 -2.20 28.37 -3.59
C SER B 14 -1.63 27.19 -2.81
N CYS B 15 -1.63 26.02 -3.46
CA CYS B 15 -1.07 24.81 -2.89
C CYS B 15 0.41 25.02 -2.54
N ARG B 16 1.13 25.69 -3.44
CA ARG B 16 2.57 25.88 -3.31
C ARG B 16 2.86 27.26 -2.69
N PHE B 17 2.21 27.56 -1.57
CA PHE B 17 2.25 28.89 -0.96
C PHE B 17 3.58 29.16 -0.26
N ALA B 18 4.33 28.11 0.09
CA ALA B 18 5.55 28.28 0.90
C ALA B 18 6.53 29.25 0.23
N HIS B 19 6.72 29.12 -1.09
CA HIS B 19 7.69 29.97 -1.77
C HIS B 19 7.04 31.26 -2.32
N GLN B 20 5.74 31.45 -2.07
CA GLN B 20 5.05 32.72 -2.32
C GLN B 20 5.44 33.76 -1.26
N TYR B 21 5.95 33.31 -0.10
CA TYR B 21 6.43 34.18 0.99
C TYR B 21 7.96 34.15 1.00
N THR B 22 8.56 35.29 1.39
CA THR B 22 9.95 35.34 1.79
C THR B 22 10.05 34.94 3.27
N GLN B 23 11.25 34.56 3.70
CA GLN B 23 11.50 34.20 5.08
C GLN B 23 11.13 35.38 5.98
N GLU B 24 11.56 36.60 5.62
CA GLU B 24 11.32 37.77 6.47
C GLU B 24 9.82 38.08 6.53
N GLN B 25 9.07 37.81 5.46
CA GLN B 25 7.63 38.02 5.45
C GLN B 25 6.94 37.08 6.46
N VAL B 26 7.48 35.87 6.62
CA VAL B 26 6.95 34.92 7.62
C VAL B 26 7.14 35.52 9.03
N LEU B 27 8.33 36.07 9.30
CA LEU B 27 8.64 36.66 10.60
C LEU B 27 7.81 37.94 10.84
N GLN B 28 7.52 38.68 9.76
CA GLN B 28 6.75 39.93 9.84
C GLN B 28 5.29 39.65 10.17
N ASN B 29 4.75 38.49 9.72
CA ASN B 29 3.37 38.13 10.03
C ASN B 29 3.24 36.61 10.07
N PRO B 30 3.68 35.95 11.17
CA PRO B 30 3.56 34.51 11.30
C PRO B 30 2.13 33.97 11.12
N SER B 31 1.14 34.73 11.62
CA SER B 31 -0.25 34.30 11.66
C SER B 31 -0.81 34.13 10.24
N LYS B 32 -0.47 35.06 9.35
CA LYS B 32 -0.92 34.97 7.97
C LYS B 32 -0.36 33.68 7.34
N PHE B 33 0.93 33.43 7.55
CA PHE B 33 1.57 32.24 6.99
C PHE B 33 0.89 30.99 7.57
N ILE B 34 0.73 30.96 8.90
CA ILE B 34 0.14 29.83 9.61
C ILE B 34 -1.27 29.53 9.06
N ASN B 35 -2.01 30.59 8.74
CA ASN B 35 -3.37 30.50 8.21
C ASN B 35 -3.38 29.71 6.89
N ASP B 36 -2.35 29.91 6.06
CA ASP B 36 -2.18 29.15 4.82
C ASP B 36 -1.80 27.70 5.14
N VAL B 37 -0.89 27.53 6.10
CA VAL B 37 -0.42 26.21 6.53
C VAL B 37 -1.63 25.35 6.95
N LEU B 38 -2.46 25.90 7.84
CA LEU B 38 -3.61 25.19 8.42
C LEU B 38 -4.59 24.73 7.32
N PHE B 39 -4.81 25.61 6.33
CA PHE B 39 -5.74 25.35 5.24
C PHE B 39 -5.35 24.06 4.51
N TRP B 40 -4.08 23.96 4.11
CA TRP B 40 -3.63 22.82 3.32
C TRP B 40 -3.40 21.58 4.19
N GLU B 41 -2.91 21.76 5.42
CA GLU B 41 -2.78 20.65 6.38
C GLU B 41 -4.16 20.00 6.57
N GLY B 42 -5.21 20.82 6.62
CA GLY B 42 -6.59 20.38 6.75
C GLY B 42 -7.01 19.37 5.69
N LYS B 43 -6.44 19.48 4.48
CA LYS B 43 -6.80 18.59 3.36
C LYS B 43 -6.35 17.15 3.62
N PHE B 44 -5.41 16.96 4.55
CA PHE B 44 -5.01 15.63 5.02
C PHE B 44 -6.19 14.93 5.71
N HIS B 45 -7.07 15.71 6.32
CA HIS B 45 -8.20 15.20 7.06
C HIS B 45 -9.33 14.85 6.09
N GLN B 46 -9.20 13.67 5.47
CA GLN B 46 -10.19 13.09 4.56
C GLN B 46 -10.19 11.56 4.72
N ASN B 47 -11.33 10.95 4.42
CA ASN B 47 -11.47 9.50 4.37
C ASN B 47 -10.45 8.93 3.37
N ASN B 48 -9.88 7.78 3.74
CA ASN B 48 -8.94 6.99 2.92
C ASN B 48 -7.58 7.71 2.80
N ILE B 49 -7.43 8.88 3.42
CA ILE B 49 -6.15 9.60 3.41
C ILE B 49 -5.53 9.52 4.80
N SER B 50 -6.23 10.03 5.83
CA SER B 50 -5.72 10.08 7.20
C SER B 50 -6.60 9.26 8.17
N TYR B 51 -7.85 8.99 7.81
CA TYR B 51 -8.72 8.21 8.68
C TYR B 51 -9.78 7.47 7.87
N ASN B 52 -10.45 6.55 8.56
CA ASN B 52 -11.56 5.78 8.05
C ASN B 52 -12.83 6.42 8.62
N SER B 53 -13.67 7.01 7.77
CA SER B 53 -14.89 7.71 8.24
C SER B 53 -15.97 6.70 8.66
N GLY B 54 -15.83 5.44 8.23
CA GLY B 54 -16.74 4.37 8.64
C GLY B 54 -16.65 4.06 10.12
N ASN B 55 -15.44 3.99 10.67
CA ASN B 55 -15.25 3.59 12.08
C ASN B 55 -14.60 4.72 12.89
N GLY B 56 -14.25 5.83 12.23
CA GLY B 56 -13.74 7.03 12.91
C GLY B 56 -12.28 6.88 13.33
N MET B 57 -11.58 5.87 12.81
CA MET B 57 -10.23 5.51 13.25
C MET B 57 -9.17 6.09 12.32
N SER B 58 -8.04 6.50 12.90
CA SER B 58 -6.92 7.02 12.15
C SER B 58 -6.27 5.88 11.34
N TYR B 59 -5.74 6.26 10.17
CA TYR B 59 -4.66 5.56 9.51
C TYR B 59 -3.37 6.30 9.81
N ASP B 60 -2.24 5.58 9.85
CA ASP B 60 -0.95 6.19 10.05
C ASP B 60 -0.75 7.32 9.03
N GLY B 61 -1.17 7.05 7.80
CA GLY B 61 -1.10 8.01 6.71
C GLY B 61 -1.29 7.33 5.37
N THR B 62 -0.74 7.93 4.32
CA THR B 62 -0.84 7.39 2.97
C THR B 62 0.34 7.86 2.11
N ASN B 63 0.70 6.99 1.17
CA ASN B 63 1.63 7.32 0.10
C ASN B 63 0.91 8.26 -0.87
N ILE B 64 1.69 9.11 -1.54
CA ILE B 64 1.19 9.92 -2.63
C ILE B 64 2.09 9.64 -3.84
N ASP B 65 1.51 9.76 -5.05
CA ASP B 65 2.20 9.39 -6.28
C ASP B 65 3.41 10.29 -6.48
N TRP B 66 4.53 9.66 -6.87
CA TRP B 66 5.79 10.34 -7.07
C TRP B 66 5.63 11.56 -7.99
N VAL B 67 4.87 11.40 -9.08
CA VAL B 67 4.74 12.42 -10.10
C VAL B 67 3.57 13.36 -9.75
N THR B 68 2.39 12.80 -9.43
CA THR B 68 1.17 13.62 -9.32
C THR B 68 1.02 14.26 -7.94
N GLY B 69 1.55 13.59 -6.91
CA GLY B 69 1.38 14.00 -5.51
C GLY B 69 -0.04 13.75 -4.99
N GLU B 70 -0.79 12.87 -5.66
CA GLU B 70 -2.13 12.47 -5.23
C GLU B 70 -2.03 11.19 -4.40
N GLY B 71 -2.91 11.05 -3.40
CA GLY B 71 -3.02 9.86 -2.59
C GLY B 71 -3.11 8.61 -3.46
N THR B 72 -2.32 7.59 -3.11
CA THR B 72 -2.25 6.32 -3.85
C THR B 72 -2.58 5.15 -2.91
N VAL B 73 -1.64 4.85 -2.01
CA VAL B 73 -1.56 3.63 -1.21
C VAL B 73 -1.57 4.04 0.28
N LYS B 74 -2.70 3.83 0.96
CA LYS B 74 -2.78 4.16 2.41
C LYS B 74 -1.96 3.16 3.24
N HIS B 75 -1.52 3.61 4.42
CA HIS B 75 -1.10 2.74 5.52
C HIS B 75 -2.36 2.32 6.26
N PRO B 76 -2.74 1.02 6.28
CA PRO B 76 -4.01 0.58 6.85
C PRO B 76 -3.95 0.32 8.37
N PHE B 77 -2.82 0.68 8.98
CA PHE B 77 -2.57 0.47 10.41
C PHE B 77 -2.40 1.84 11.07
N SER B 78 -2.59 1.86 12.40
CA SER B 78 -2.31 3.03 13.22
C SER B 78 -2.09 2.58 14.67
N ALA B 79 -2.03 3.55 15.59
CA ALA B 79 -1.76 3.31 16.99
C ALA B 79 -2.28 4.49 17.82
N ALA B 80 -2.28 4.30 19.14
CA ALA B 80 -2.85 5.26 20.09
C ALA B 80 -2.15 6.62 19.99
N SER B 81 -0.88 6.61 19.56
CA SER B 81 -0.06 7.80 19.37
C SER B 81 -0.64 8.70 18.28
N LYS B 82 -1.10 8.10 17.18
CA LYS B 82 -1.69 8.86 16.07
C LYS B 82 -3.12 9.28 16.46
N GLU B 83 -3.82 8.39 17.15
CA GLU B 83 -5.12 8.69 17.74
C GLU B 83 -5.04 9.97 18.60
N SER B 84 -3.96 10.11 19.37
CA SER B 84 -3.78 11.25 20.28
C SER B 84 -3.70 12.57 19.49
N LEU B 85 -3.03 12.56 18.32
CA LEU B 85 -2.92 13.75 17.47
C LEU B 85 -4.31 14.15 16.93
N GLN B 86 -5.07 13.15 16.48
CA GLN B 86 -6.42 13.33 15.97
C GLN B 86 -7.32 13.87 17.09
N VAL B 87 -7.26 13.24 18.26
CA VAL B 87 -8.11 13.60 19.38
C VAL B 87 -7.78 15.04 19.84
N MET B 88 -6.48 15.38 19.91
CA MET B 88 -6.08 16.72 20.33
C MET B 88 -6.64 17.78 19.36
N LEU B 89 -6.60 17.50 18.05
CA LEU B 89 -7.17 18.41 17.08
C LEU B 89 -8.67 18.60 17.35
N TYR B 90 -9.38 17.47 17.56
CA TYR B 90 -10.82 17.50 17.79
C TYR B 90 -11.17 18.25 19.08
N ALA B 91 -10.29 18.19 20.08
CA ALA B 91 -10.48 18.95 21.32
C ALA B 91 -10.58 20.44 21.00
N HIS B 92 -9.66 20.93 20.16
CA HIS B 92 -9.65 22.34 19.78
C HIS B 92 -10.87 22.66 18.93
N ALA B 93 -11.20 21.75 18.00
CA ALA B 93 -12.29 21.94 17.08
C ALA B 93 -13.63 22.05 17.83
N ILE B 94 -13.87 21.17 18.80
CA ILE B 94 -15.15 21.13 19.50
C ILE B 94 -15.28 22.34 20.44
N ALA B 95 -14.15 22.86 20.93
CA ALA B 95 -14.12 24.07 21.78
C ALA B 95 -14.41 25.34 20.97
N GLY B 96 -14.38 25.24 19.63
CA GLY B 96 -14.74 26.33 18.74
C GLY B 96 -13.54 27.17 18.29
N SER B 97 -12.33 26.63 18.45
CA SER B 97 -11.08 27.24 17.94
C SER B 97 -11.22 27.57 16.45
N ALA B 98 -10.92 28.83 16.11
CA ALA B 98 -10.99 29.31 14.74
C ALA B 98 -9.87 28.67 13.90
N ASP B 99 -8.70 28.46 14.52
CA ASP B 99 -7.55 27.84 13.83
C ASP B 99 -7.86 26.36 13.53
N ALA B 100 -8.44 25.66 14.51
CA ALA B 100 -8.84 24.26 14.30
C ALA B 100 -9.91 24.20 13.21
N ALA B 101 -10.77 25.23 13.12
CA ALA B 101 -11.82 25.31 12.11
C ALA B 101 -11.18 25.53 10.72
N ARG B 102 -10.14 26.37 10.68
CA ARG B 102 -9.37 26.63 9.45
C ARG B 102 -8.85 25.30 8.88
N PHE B 103 -8.47 24.39 9.78
CA PHE B 103 -8.00 23.04 9.43
C PHE B 103 -9.18 22.15 9.01
N LEU B 104 -10.20 22.04 9.87
CA LEU B 104 -11.24 20.97 9.74
C LEU B 104 -12.29 21.37 8.70
N SER B 105 -12.62 22.66 8.63
CA SER B 105 -13.82 23.13 7.92
C SER B 105 -13.64 24.59 7.53
N PRO B 106 -12.64 24.92 6.68
CA PRO B 106 -12.23 26.30 6.45
C PRO B 106 -13.32 27.19 5.82
N ASN B 107 -14.10 26.59 4.93
CA ASN B 107 -15.10 27.33 4.14
C ASN B 107 -16.41 27.40 4.92
N ASN B 108 -16.56 26.59 5.98
CA ASN B 108 -17.69 26.64 6.89
C ASN B 108 -17.23 26.35 8.32
N PRO B 109 -16.64 27.34 9.01
CA PRO B 109 -16.08 27.14 10.34
C PRO B 109 -17.07 26.59 11.39
N SER B 110 -18.33 27.04 11.31
CA SER B 110 -19.36 26.72 12.29
C SER B 110 -19.58 25.21 12.38
N ALA B 111 -19.24 24.47 11.31
CA ALA B 111 -19.46 23.01 11.25
C ALA B 111 -18.35 22.22 11.96
N ALA B 112 -17.21 22.87 12.28
CA ALA B 112 -16.01 22.17 12.80
C ALA B 112 -16.33 21.41 14.08
N PRO B 113 -17.07 22.01 15.05
CA PRO B 113 -17.41 21.31 16.29
C PRO B 113 -18.23 20.03 16.05
N GLY B 114 -19.23 20.12 15.17
CA GLY B 114 -20.09 18.99 14.79
C GLY B 114 -19.31 17.87 14.11
N ILE B 115 -18.37 18.23 13.24
CA ILE B 115 -17.55 17.23 12.55
C ILE B 115 -16.71 16.46 13.59
N ALA B 116 -16.06 17.19 14.50
CA ALA B 116 -15.27 16.59 15.58
C ALA B 116 -16.14 15.66 16.44
N ALA B 117 -17.36 16.14 16.77
CA ALA B 117 -18.25 15.43 17.65
C ALA B 117 -18.70 14.11 16.99
N SER B 118 -19.10 14.20 15.72
CA SER B 118 -19.55 13.04 14.93
C SER B 118 -18.45 11.96 14.85
N ILE B 119 -17.22 12.36 14.47
CA ILE B 119 -16.14 11.38 14.30
C ILE B 119 -15.80 10.75 15.65
N MET B 120 -15.76 11.55 16.72
CA MET B 120 -15.40 11.07 18.06
C MET B 120 -16.49 10.13 18.60
N ASP B 121 -17.74 10.35 18.19
CA ASP B 121 -18.83 9.47 18.55
C ASP B 121 -18.58 8.10 17.89
N THR B 122 -18.38 8.14 16.57
CA THR B 122 -18.10 6.94 15.76
C THR B 122 -16.87 6.23 16.30
N LYS B 123 -15.82 7.00 16.61
CA LYS B 123 -14.54 6.46 17.10
C LYS B 123 -14.76 5.66 18.40
N LEU B 124 -15.54 6.25 19.32
CA LEU B 124 -15.77 5.62 20.62
C LEU B 124 -16.44 4.25 20.43
N GLN B 125 -17.47 4.21 19.58
CA GLN B 125 -18.18 2.98 19.25
C GLN B 125 -17.15 1.91 18.84
N THR B 126 -16.21 2.30 17.98
CA THR B 126 -15.16 1.40 17.47
C THR B 126 -14.25 0.93 18.62
N TYR B 127 -13.85 1.86 19.50
CA TYR B 127 -13.02 1.54 20.66
C TYR B 127 -13.72 0.46 21.51
N LEU B 128 -15.05 0.61 21.68
CA LEU B 128 -15.83 -0.25 22.57
C LEU B 128 -16.01 -1.65 21.96
N ARG B 129 -16.21 -1.73 20.63
CA ARG B 129 -16.30 -3.02 19.92
C ARG B 129 -14.97 -3.77 20.05
N PHE B 130 -13.86 -3.03 19.98
CA PHE B 130 -12.53 -3.62 20.11
C PHE B 130 -12.33 -4.16 21.53
N ASN B 131 -12.80 -3.42 22.53
CA ASN B 131 -12.66 -3.83 23.92
C ASN B 131 -13.44 -5.13 24.18
N GLU B 132 -14.65 -5.23 23.61
CA GLU B 132 -15.52 -6.39 23.76
C GLU B 132 -14.86 -7.63 23.14
N THR B 133 -14.25 -7.48 21.95
CA THR B 133 -13.66 -8.58 21.22
C THR B 133 -12.29 -8.94 21.80
N TYR B 134 -11.55 -7.93 22.27
CA TYR B 134 -10.20 -8.11 22.82
C TYR B 134 -10.13 -7.51 24.22
N PRO B 135 -10.84 -8.10 25.22
CA PRO B 135 -10.90 -7.53 26.56
C PRO B 135 -9.56 -7.57 27.31
N GLY B 136 -8.64 -8.43 26.87
CA GLY B 136 -7.32 -8.61 27.47
C GLY B 136 -6.44 -7.35 27.41
N PHE B 137 -6.76 -6.42 26.50
CA PHE B 137 -6.02 -5.18 26.35
C PHE B 137 -6.39 -4.19 27.48
N GLY B 138 -7.47 -4.48 28.22
CA GLY B 138 -7.87 -3.70 29.39
C GLY B 138 -8.26 -2.27 29.04
N GLY B 139 -8.76 -2.08 27.82
CA GLY B 139 -9.25 -0.79 27.34
C GLY B 139 -8.19 0.04 26.64
N PHE B 140 -6.95 -0.47 26.58
CA PHE B 140 -5.83 0.14 25.88
C PHE B 140 -5.78 -0.37 24.44
N LEU B 141 -5.03 0.36 23.59
CA LEU B 141 -4.93 0.00 22.17
C LEU B 141 -3.51 -0.45 21.85
N PRO B 142 -3.37 -1.58 21.12
CA PRO B 142 -2.11 -1.95 20.49
C PRO B 142 -1.97 -1.17 19.18
N TRP B 143 -0.96 -1.49 18.38
CA TRP B 143 -0.98 -1.13 16.97
C TRP B 143 -2.08 -1.95 16.31
N PHE B 144 -2.94 -1.29 15.52
CA PHE B 144 -4.17 -1.90 15.03
C PHE B 144 -4.29 -1.69 13.51
N THR B 145 -5.06 -2.57 12.88
CA THR B 145 -5.50 -2.42 11.50
C THR B 145 -6.88 -1.74 11.52
N SER B 146 -7.02 -0.62 10.81
CA SER B 146 -8.22 0.21 10.91
C SER B 146 -8.98 0.27 9.57
N SER B 147 -8.54 -0.52 8.57
CA SER B 147 -9.08 -0.48 7.21
C SER B 147 -10.47 -1.14 7.12
N SER B 148 -10.83 -1.98 8.09
CA SER B 148 -12.18 -2.57 8.16
C SER B 148 -12.95 -1.94 9.30
N GLN B 149 -14.26 -2.21 9.36
CA GLN B 149 -15.15 -1.54 10.30
C GLN B 149 -14.70 -1.84 11.74
N ASP B 150 -14.34 -3.10 12.03
CA ASP B 150 -13.86 -3.49 13.35
C ASP B 150 -12.33 -3.44 13.36
N LEU B 151 -11.77 -2.96 14.47
CA LEU B 151 -10.33 -3.01 14.72
C LEU B 151 -9.88 -4.45 14.98
N THR B 152 -8.69 -4.78 14.47
CA THR B 152 -7.91 -5.93 14.88
C THR B 152 -6.48 -5.48 15.17
N PRO B 153 -5.76 -6.14 16.11
CA PRO B 153 -4.34 -5.85 16.27
C PRO B 153 -3.62 -6.18 14.95
N THR B 154 -2.58 -5.44 14.61
CA THR B 154 -1.68 -5.89 13.55
C THR B 154 -1.11 -7.23 14.02
N TRP B 155 -0.64 -8.04 13.08
CA TRP B 155 -0.17 -9.39 13.41
C TRP B 155 0.90 -9.31 14.49
N ASP B 156 1.82 -8.36 14.30
CA ASP B 156 3.00 -8.20 15.15
C ASP B 156 2.59 -7.81 16.57
N TRP B 157 1.39 -7.25 16.74
CA TRP B 157 0.98 -6.65 18.00
C TRP B 157 -0.17 -7.42 18.66
N ASN B 158 -0.47 -8.63 18.16
CA ASN B 158 -1.29 -9.57 18.91
C ASN B 158 -0.65 -9.73 20.30
N ASN B 159 -1.46 -9.59 21.35
CA ASN B 159 -1.03 -9.92 22.72
C ASN B 159 0.12 -9.02 23.17
N ARG B 160 0.19 -7.80 22.64
CA ARG B 160 1.26 -6.84 22.97
C ARG B 160 0.63 -5.45 23.02
N VAL B 161 0.96 -4.68 24.07
CA VAL B 161 0.36 -3.36 24.23
C VAL B 161 1.41 -2.37 24.71
N PRO B 162 1.57 -1.21 24.03
CA PRO B 162 2.59 -0.24 24.37
C PRO B 162 2.05 0.86 25.32
N GLY B 163 2.80 1.11 26.40
CA GLY B 163 2.42 2.12 27.37
C GLY B 163 2.57 3.53 26.84
N LEU B 164 3.65 3.78 26.08
CA LEU B 164 3.99 5.13 25.59
C LEU B 164 2.80 5.71 24.80
N ASP B 165 2.35 4.96 23.80
CA ASP B 165 1.34 5.44 22.85
C ASP B 165 0.02 5.71 23.59
N ASN B 166 -0.31 4.83 24.54
CA ASN B 166 -1.57 4.93 25.27
C ASN B 166 -1.53 6.14 26.22
N GLY B 167 -0.37 6.41 26.81
CA GLY B 167 -0.19 7.59 27.65
C GLY B 167 -0.55 8.88 26.90
N GLU B 168 -0.14 8.94 25.64
CA GLU B 168 -0.43 10.10 24.77
C GLU B 168 -1.94 10.19 24.52
N LEU B 169 -2.57 9.06 24.19
CA LEU B 169 -4.00 9.03 23.89
C LEU B 169 -4.80 9.48 25.10
N LEU B 170 -4.46 8.94 26.29
CA LEU B 170 -5.27 9.13 27.49
C LEU B 170 -5.36 10.62 27.86
N TRP B 171 -4.22 11.33 27.82
CA TRP B 171 -4.24 12.76 28.16
C TRP B 171 -4.94 13.57 27.06
N ALA B 172 -4.88 13.09 25.80
CA ALA B 172 -5.59 13.74 24.70
C ALA B 172 -7.11 13.65 24.94
N VAL B 173 -7.59 12.46 25.32
CA VAL B 173 -9.01 12.22 25.60
C VAL B 173 -9.45 13.06 26.81
N TYR B 174 -8.59 13.12 27.82
CA TYR B 174 -8.75 13.96 29.02
C TYR B 174 -9.03 15.41 28.61
N ALA B 175 -8.22 15.92 27.67
CA ALA B 175 -8.37 17.29 27.13
C ALA B 175 -9.69 17.44 26.36
N PHE B 176 -10.00 16.46 25.52
CA PHE B 176 -11.18 16.50 24.68
C PHE B 176 -12.44 16.58 25.56
N ILE B 177 -12.44 15.77 26.63
CA ILE B 177 -13.56 15.72 27.57
C ILE B 177 -13.80 17.12 28.13
N GLN B 178 -12.73 17.77 28.62
CA GLN B 178 -12.83 19.11 29.16
C GLN B 178 -13.37 20.07 28.08
N ALA B 179 -12.82 19.97 26.86
CA ALA B 179 -13.22 20.88 25.78
C ALA B 179 -14.71 20.73 25.49
N ALA B 180 -15.18 19.47 25.39
CA ALA B 180 -16.58 19.18 25.07
C ALA B 180 -17.50 19.73 26.16
N GLU B 181 -17.08 19.59 27.42
CA GLU B 181 -17.88 20.00 28.56
C GLU B 181 -17.89 21.54 28.70
N ASN B 182 -16.81 22.19 28.23
CA ASN B 182 -16.70 23.66 28.27
C ASN B 182 -17.70 24.33 27.33
N THR B 183 -18.27 23.57 26.37
CA THR B 183 -19.21 24.12 25.38
C THR B 183 -20.61 24.35 25.98
N SER B 184 -20.93 23.63 27.05
CA SER B 184 -22.28 23.56 27.63
C SER B 184 -23.33 23.05 26.62
N ASN B 185 -22.89 22.40 25.54
CA ASN B 185 -23.77 21.80 24.55
C ASN B 185 -24.10 20.38 25.04
N LYS B 186 -25.40 20.10 25.26
CA LYS B 186 -25.85 18.88 25.95
C LYS B 186 -25.39 17.62 25.18
N SER B 187 -25.47 17.71 23.84
CA SER B 187 -25.02 16.67 22.92
C SER B 187 -23.53 16.36 23.15
N PHE B 188 -22.71 17.43 23.19
CA PHE B 188 -21.27 17.34 23.33
C PHE B 188 -20.91 16.85 24.74
N ILE B 189 -21.68 17.29 25.76
CA ILE B 189 -21.45 16.86 27.14
C ILE B 189 -21.74 15.36 27.26
N ASP B 190 -22.86 14.91 26.68
CA ASP B 190 -23.22 13.49 26.66
C ASP B 190 -22.06 12.67 26.07
N LEU B 191 -21.53 13.13 24.92
CA LEU B 191 -20.40 12.48 24.24
C LEU B 191 -19.20 12.42 25.18
N ALA B 192 -18.90 13.54 25.85
CA ALA B 192 -17.78 13.66 26.78
C ALA B 192 -17.89 12.60 27.89
N LYS B 193 -19.11 12.39 28.40
CA LYS B 193 -19.34 11.48 29.54
C LYS B 193 -19.10 10.03 29.12
N LYS B 194 -19.48 9.69 27.88
CA LYS B 194 -19.20 8.35 27.33
C LYS B 194 -17.69 8.15 27.19
N TRP B 195 -16.98 9.19 26.75
CA TRP B 195 -15.52 9.13 26.65
C TRP B 195 -14.89 9.04 28.05
N GLN B 196 -15.49 9.71 29.02
CA GLN B 196 -15.02 9.69 30.42
C GLN B 196 -15.08 8.25 30.94
N THR B 197 -16.16 7.54 30.62
CA THR B 197 -16.34 6.11 30.97
C THR B 197 -15.19 5.27 30.37
N TRP B 198 -14.89 5.50 29.09
CA TRP B 198 -13.83 4.76 28.41
C TRP B 198 -12.50 5.03 29.14
N MET B 199 -12.20 6.30 29.33
CA MET B 199 -10.95 6.76 29.95
C MET B 199 -10.83 6.21 31.38
N ASP B 200 -11.93 6.26 32.14
CA ASP B 200 -11.95 5.83 33.55
C ASP B 200 -11.68 4.32 33.65
N TYR B 201 -12.12 3.54 32.65
CA TYR B 201 -11.91 2.09 32.70
C TYR B 201 -10.40 1.78 32.69
N THR B 202 -9.61 2.56 31.94
CA THR B 202 -8.15 2.34 31.86
C THR B 202 -7.49 2.50 33.23
N LYS B 203 -8.08 3.36 34.08
CA LYS B 203 -7.55 3.62 35.42
C LYS B 203 -7.59 2.33 36.25
N THR B 204 -8.61 1.51 36.01
CA THR B 204 -8.86 0.29 36.79
C THR B 204 -7.90 -0.84 36.38
N THR B 205 -7.31 -0.77 35.18
CA THR B 205 -6.50 -1.86 34.61
C THR B 205 -5.01 -1.49 34.50
N ALA B 206 -4.68 -0.18 34.51
CA ALA B 206 -3.36 0.34 34.14
C ALA B 206 -2.23 -0.33 34.94
N ALA B 207 -2.35 -0.33 36.28
CA ALA B 207 -1.30 -0.86 37.16
C ALA B 207 -1.13 -2.37 36.95
N HIS B 208 -2.25 -3.10 36.89
CA HIS B 208 -2.21 -4.55 36.72
C HIS B 208 -1.52 -4.91 35.41
N ILE B 209 -1.75 -4.11 34.36
CA ILE B 209 -1.20 -4.42 33.03
C ILE B 209 0.25 -3.91 32.92
N PHE B 210 0.57 -2.72 33.44
CA PHE B 210 1.83 -2.04 33.08
C PHE B 210 2.81 -1.89 34.25
N TYR B 211 2.36 -1.98 35.50
CA TYR B 211 3.26 -1.71 36.62
C TYR B 211 3.80 -3.03 37.19
N GLN B 212 5.12 -3.25 36.98
CA GLN B 212 5.81 -4.46 37.42
C GLN B 212 6.17 -4.37 38.91
N GLY B 213 6.44 -3.16 39.40
CA GLY B 213 6.83 -2.92 40.79
C GLY B 213 8.20 -2.26 40.86
N GLU B 214 8.50 -1.65 42.01
CA GLU B 214 9.78 -1.00 42.30
C GLU B 214 10.08 0.09 41.24
N GLY B 215 9.02 0.76 40.80
CA GLY B 215 9.12 1.90 39.91
C GLY B 215 9.26 1.51 38.44
N LYS B 216 9.17 0.22 38.13
CA LYS B 216 9.39 -0.28 36.77
C LYS B 216 8.04 -0.40 36.07
N VAL B 217 7.93 0.28 34.91
CA VAL B 217 6.71 0.30 34.11
C VAL B 217 7.05 -0.29 32.74
N CYS B 218 6.34 -1.35 32.32
CA CYS B 218 6.60 -1.99 31.03
C CYS B 218 6.49 -0.98 29.88
N ALA B 219 7.49 -0.95 29.01
CA ALA B 219 7.38 -0.22 27.73
C ALA B 219 6.33 -0.93 26.86
N VAL B 220 6.45 -2.26 26.80
CA VAL B 220 5.49 -3.14 26.11
C VAL B 220 5.12 -4.26 27.08
N THR B 221 3.82 -4.45 27.29
CA THR B 221 3.32 -5.55 28.09
C THR B 221 2.89 -6.69 27.16
N ASP B 222 3.36 -7.90 27.48
CA ASP B 222 2.95 -9.13 26.80
C ASP B 222 1.76 -9.71 27.55
N ILE B 223 0.66 -9.90 26.82
CA ILE B 223 -0.60 -10.41 27.31
C ILE B 223 -0.64 -11.91 27.00
N LYS B 224 -1.06 -12.72 27.97
CA LYS B 224 -1.14 -14.16 27.75
C LYS B 224 -2.07 -14.41 26.57
N ASN B 225 -3.28 -13.84 26.62
CA ASN B 225 -4.25 -14.02 25.58
C ASN B 225 -5.26 -12.86 25.60
N GLN B 226 -5.19 -12.04 24.57
CA GLN B 226 -6.00 -10.84 24.36
C GLN B 226 -7.51 -11.16 24.37
N SER B 227 -7.89 -12.41 24.06
CA SER B 227 -9.29 -12.82 24.05
C SER B 227 -9.84 -13.00 25.47
N LEU B 228 -8.96 -13.21 26.45
CA LEU B 228 -9.37 -13.42 27.85
C LEU B 228 -9.56 -12.08 28.54
N PRO B 229 -10.62 -11.91 29.38
CA PRO B 229 -10.73 -10.74 30.25
C PRO B 229 -9.47 -10.49 31.10
N VAL B 230 -9.33 -9.23 31.56
CA VAL B 230 -8.15 -8.80 32.29
C VAL B 230 -7.94 -9.71 33.50
N TYR B 231 -9.04 -10.04 34.20
CA TYR B 231 -8.97 -10.78 35.46
C TYR B 231 -9.50 -12.22 35.31
N HIS B 232 -9.49 -12.74 34.09
CA HIS B 232 -9.71 -14.17 33.86
C HIS B 232 -8.61 -14.94 34.58
N PRO B 233 -8.93 -16.07 35.27
CA PRO B 233 -7.95 -16.76 36.11
C PRO B 233 -6.63 -17.15 35.42
N GLU B 234 -6.65 -17.26 34.09
CA GLU B 234 -5.49 -17.70 33.31
C GLU B 234 -4.74 -16.52 32.66
N GLN B 235 -5.35 -15.34 32.65
CA GLN B 235 -4.72 -14.15 32.06
C GLN B 235 -3.47 -13.78 32.88
N THR B 236 -2.40 -13.43 32.18
CA THR B 236 -1.19 -12.91 32.81
C THR B 236 -0.66 -11.75 31.96
N TYR B 237 0.05 -10.84 32.63
CA TYR B 237 0.73 -9.72 32.01
C TYR B 237 2.19 -9.73 32.48
N ALA B 238 3.12 -9.50 31.55
CA ALA B 238 4.54 -9.40 31.87
C ALA B 238 5.18 -8.36 30.92
N CYS B 239 6.18 -7.63 31.43
CA CYS B 239 6.94 -6.72 30.58
C CYS B 239 7.69 -7.53 29.51
N GLU B 240 7.76 -6.98 28.30
CA GLU B 240 8.54 -7.54 27.23
C GLU B 240 10.00 -7.14 27.43
N GLY B 241 10.85 -8.13 27.69
CA GLY B 241 12.26 -7.91 28.02
C GLY B 241 12.41 -7.03 29.26
N THR B 242 13.43 -6.17 29.24
CA THR B 242 13.74 -5.29 30.36
C THR B 242 13.71 -3.83 29.89
N SER B 243 12.78 -3.55 28.97
CA SER B 243 12.51 -2.19 28.46
C SER B 243 11.38 -1.57 29.30
N TYR B 244 11.71 -0.49 30.01
CA TYR B 244 10.77 0.18 30.91
C TYR B 244 10.62 1.65 30.49
N LEU B 245 9.43 2.22 30.76
CA LEU B 245 9.20 3.65 30.62
C LEU B 245 9.86 4.34 31.82
N ASN B 246 11.12 4.76 31.63
CA ASN B 246 11.92 5.29 32.73
C ASN B 246 12.67 6.57 32.32
N ASP B 247 12.20 7.27 31.28
CA ASP B 247 12.91 8.45 30.78
C ASP B 247 11.99 9.66 30.67
N PRO B 248 12.53 10.89 30.44
CA PRO B 248 11.72 12.11 30.37
C PRO B 248 10.98 12.38 29.04
N TYR B 249 10.94 11.40 28.12
CA TYR B 249 10.39 11.63 26.78
C TYR B 249 8.90 11.25 26.81
N GLU B 250 8.35 10.71 25.71
CA GLU B 250 6.91 10.64 25.51
C GLU B 250 6.26 9.73 26.55
N GLY B 251 7.02 8.72 27.02
CA GLY B 251 6.51 7.72 27.97
C GLY B 251 6.18 8.31 29.33
N GLU B 252 6.64 9.54 29.61
CA GLU B 252 6.42 10.17 30.91
C GLU B 252 4.92 10.47 31.11
N LEU B 253 4.19 10.63 30.01
CA LEU B 253 2.73 10.84 30.09
C LEU B 253 2.07 9.64 30.76
N PHE B 254 2.55 8.42 30.46
CA PHE B 254 1.96 7.22 31.04
C PHE B 254 2.30 7.11 32.53
N THR B 255 3.53 7.50 32.90
CA THR B 255 3.95 7.57 34.32
C THR B 255 2.89 8.33 35.12
N TRP B 256 2.51 9.51 34.65
CA TRP B 256 1.53 10.37 35.31
C TRP B 256 0.17 9.66 35.42
N TRP B 257 -0.21 8.92 34.37
CA TRP B 257 -1.46 8.19 34.36
C TRP B 257 -1.50 7.22 35.55
N LEU B 258 -0.42 6.46 35.73
CA LEU B 258 -0.27 5.50 36.83
C LEU B 258 -0.31 6.24 38.18
N GLN B 259 0.40 7.37 38.27
CA GLN B 259 0.56 8.08 39.54
C GLN B 259 -0.81 8.60 40.03
N PHE B 260 -1.54 9.29 39.16
CA PHE B 260 -2.77 9.94 39.55
C PHE B 260 -3.94 8.95 39.67
N PHE B 261 -3.98 7.92 38.82
CA PHE B 261 -5.21 7.14 38.61
C PHE B 261 -5.04 5.63 38.81
N GLY B 262 -3.81 5.15 39.03
CA GLY B 262 -3.52 3.73 38.96
C GLY B 262 -3.78 2.99 40.25
N GLY B 263 -3.94 3.73 41.37
CA GLY B 263 -4.10 3.16 42.70
C GLY B 263 -2.79 2.69 43.30
N LEU B 264 -1.68 3.35 42.92
CA LEU B 264 -0.36 3.03 43.44
C LEU B 264 -0.23 3.59 44.87
N SER B 265 0.58 2.92 45.70
CA SER B 265 0.91 3.45 47.04
C SER B 265 1.81 4.67 46.90
N ASP B 266 1.94 5.43 47.99
CA ASP B 266 2.84 6.59 48.07
C ASP B 266 4.28 6.14 47.79
N ALA B 267 4.66 4.97 48.32
CA ALA B 267 6.00 4.41 48.14
C ALA B 267 6.24 4.03 46.67
N ASP B 268 5.19 3.56 45.99
CA ASP B 268 5.28 3.17 44.58
C ASP B 268 5.44 4.41 43.70
N ILE B 269 4.71 5.49 44.04
CA ILE B 269 4.82 6.77 43.33
C ILE B 269 6.26 7.30 43.46
N GLU B 270 6.79 7.31 44.69
CA GLU B 270 8.18 7.71 44.94
C GLU B 270 9.12 6.85 44.09
N ALA B 271 8.85 5.54 44.04
CA ALA B 271 9.67 4.59 43.27
C ALA B 271 9.66 4.92 41.77
N LEU B 272 8.52 5.35 41.23
CA LEU B 272 8.40 5.71 39.80
C LEU B 272 9.45 6.77 39.47
N TRP B 273 9.49 7.84 40.27
CA TRP B 273 10.34 8.98 39.99
C TRP B 273 11.80 8.66 40.32
N GLU B 274 12.02 7.78 41.31
CA GLU B 274 13.37 7.39 41.71
C GLU B 274 14.01 6.57 40.59
N TYR B 275 13.24 5.64 40.01
CA TYR B 275 13.73 4.79 38.95
C TYR B 275 13.95 5.61 37.66
N LYS B 276 13.19 6.70 37.51
CA LYS B 276 13.27 7.58 36.33
C LYS B 276 14.48 8.52 36.44
N ARG B 277 14.96 8.78 37.66
CA ARG B 277 15.86 9.92 37.94
C ARG B 277 17.15 9.82 37.12
N PRO B 278 17.80 8.64 37.00
CA PRO B 278 19.06 8.54 36.25
C PRO B 278 18.97 8.89 34.75
N GLN B 279 17.75 8.94 34.19
CA GLN B 279 17.56 9.23 32.76
C GLN B 279 17.28 10.73 32.54
N LEU B 280 17.12 11.50 33.63
CA LEU B 280 16.97 12.95 33.57
C LEU B 280 18.35 13.58 33.83
N VAL B 281 18.98 14.12 32.76
CA VAL B 281 20.39 14.50 32.77
C VAL B 281 20.56 15.86 32.07
N SER B 282 21.40 16.71 32.68
CA SER B 282 21.80 18.01 32.13
C SER B 282 23.07 17.84 31.31
N VAL B 283 23.05 18.34 30.06
CA VAL B 283 24.21 18.34 29.18
C VAL B 283 24.24 19.70 28.49
N ASP B 284 25.44 20.09 28.05
CA ASP B 284 25.65 21.35 27.37
C ASP B 284 25.94 21.07 25.89
N TYR B 285 25.09 21.64 25.02
CA TYR B 285 25.38 21.70 23.60
C TYR B 285 26.43 22.80 23.35
N HIS B 286 27.47 22.48 22.58
CA HIS B 286 28.53 23.42 22.30
C HIS B 286 29.28 22.96 21.05
N ILE B 287 28.96 23.55 19.90
CA ILE B 287 29.63 23.24 18.64
C ILE B 287 29.97 24.56 17.95
N GLY B 288 31.24 24.68 17.52
CA GLY B 288 31.78 25.92 16.98
C GLY B 288 31.49 27.09 17.89
N ASN B 289 30.89 28.15 17.34
CA ASN B 289 30.62 29.39 18.06
C ASN B 289 29.20 29.38 18.66
N VAL B 290 28.57 28.19 18.74
CA VAL B 290 27.22 28.09 19.31
C VAL B 290 27.31 27.38 20.67
N GLY B 291 27.06 28.15 21.74
CA GLY B 291 26.94 27.61 23.08
C GLY B 291 28.05 28.10 24.01
N PRO B 292 28.15 27.52 25.20
CA PRO B 292 27.37 26.35 25.59
C PRO B 292 25.90 26.67 25.90
N ILE B 293 25.00 25.74 25.55
CA ILE B 293 23.58 25.81 25.89
C ILE B 293 23.18 24.56 26.69
N THR B 294 22.76 24.77 27.94
CA THR B 294 22.36 23.66 28.81
C THR B 294 20.98 23.15 28.39
N VAL B 295 20.91 21.85 28.08
CA VAL B 295 19.68 21.21 27.65
C VAL B 295 19.48 19.93 28.47
N GLN B 296 18.23 19.47 28.47
CA GLN B 296 17.89 18.10 28.83
C GLN B 296 18.46 17.13 27.78
N LYS B 297 19.30 16.20 28.22
CA LYS B 297 19.86 15.17 27.34
C LYS B 297 18.71 14.37 26.71
N GLY B 298 18.76 14.22 25.38
CA GLY B 298 17.74 13.50 24.64
C GLY B 298 18.09 12.03 24.47
N TYR B 299 17.13 11.28 23.93
CA TYR B 299 17.42 9.92 23.47
C TYR B 299 18.25 10.04 22.19
N TRP B 300 17.66 10.61 21.12
CA TRP B 300 18.41 11.09 19.94
C TRP B 300 18.45 12.62 19.90
N PHE B 301 17.67 13.27 20.78
CA PHE B 301 17.27 14.68 20.65
C PHE B 301 16.51 14.88 19.33
N SER B 302 15.75 13.85 18.95
CA SER B 302 14.69 13.98 17.97
C SER B 302 13.60 14.86 18.58
N SER B 303 13.01 15.75 17.76
CA SER B 303 11.93 16.65 18.18
C SER B 303 10.78 15.88 18.85
N HIS B 304 10.48 14.69 18.32
N HIS B 304 10.48 14.68 18.34
CA HIS B 304 9.38 13.83 18.76
CA HIS B 304 9.33 13.89 18.78
C HIS B 304 9.41 13.63 20.29
C HIS B 304 9.41 13.59 20.29
N GLU B 305 10.62 13.55 20.85
CA GLU B 305 10.85 13.27 22.28
C GLU B 305 10.24 14.34 23.22
N THR B 306 9.92 15.52 22.69
CA THR B 306 9.39 16.66 23.46
C THR B 306 7.84 16.64 23.51
N TRP B 307 7.23 15.57 22.98
CA TRP B 307 5.77 15.43 22.78
C TRP B 307 4.98 15.83 24.02
N LYS B 308 5.47 15.42 25.20
CA LYS B 308 4.70 15.47 26.45
C LYS B 308 4.23 16.89 26.75
N VAL B 309 5.01 17.91 26.34
CA VAL B 309 4.70 19.29 26.68
C VAL B 309 3.42 19.75 25.96
N LEU B 310 2.99 19.04 24.91
CA LEU B 310 1.73 19.36 24.19
C LEU B 310 0.50 18.87 24.99
N GLU B 311 0.69 17.96 25.95
CA GLU B 311 -0.43 17.24 26.55
C GLU B 311 -0.61 17.58 28.04
N MET B 312 0.44 18.01 28.74
CA MET B 312 0.36 18.39 30.14
C MET B 312 1.07 19.72 30.35
N PRO B 313 0.69 20.53 31.36
CA PRO B 313 1.24 21.88 31.51
C PRO B 313 2.64 21.95 32.13
N TYR B 314 3.60 21.29 31.49
CA TYR B 314 5.01 21.32 31.86
C TYR B 314 5.53 22.78 31.86
N TYR B 315 5.04 23.61 30.93
CA TYR B 315 5.59 24.94 30.73
C TYR B 315 4.99 25.95 31.72
N ASP B 316 4.10 25.48 32.62
CA ASP B 316 3.68 26.25 33.78
C ASP B 316 4.84 26.37 34.78
N ILE B 317 5.83 25.48 34.70
CA ILE B 317 6.97 25.49 35.61
C ILE B 317 8.15 26.21 34.90
N ASP B 318 8.63 27.31 35.52
CA ASP B 318 9.62 28.22 34.91
C ASP B 318 10.91 27.48 34.54
N ILE B 319 11.46 26.68 35.46
CA ILE B 319 12.72 26.00 35.21
C ILE B 319 12.55 25.07 34.00
N ILE B 320 11.37 24.44 33.87
CA ILE B 320 11.12 23.52 32.78
C ILE B 320 11.01 24.30 31.46
N ARG B 321 10.22 25.39 31.47
CA ARG B 321 10.08 26.23 30.30
C ARG B 321 11.46 26.74 29.83
N ARG B 322 12.32 27.15 30.77
CA ARG B 322 13.65 27.69 30.44
C ARG B 322 14.53 26.59 29.81
N VAL B 323 14.48 25.38 30.37
CA VAL B 323 15.27 24.21 29.89
C VAL B 323 14.80 23.85 28.47
N PHE B 324 13.49 23.88 28.24
CA PHE B 324 12.93 23.49 26.94
C PHE B 324 13.07 24.62 25.92
N GLN B 325 13.10 25.88 26.38
CA GLN B 325 13.43 27.02 25.51
C GLN B 325 14.88 26.86 25.02
N ASN B 326 15.77 26.48 25.93
CA ASN B 326 17.17 26.20 25.60
C ASN B 326 17.27 25.13 24.52
N ALA B 327 16.42 24.10 24.59
CA ALA B 327 16.41 23.01 23.60
C ALA B 327 16.31 23.59 22.17
N GLU B 328 15.49 24.62 22.01
CA GLU B 328 15.19 25.20 20.70
C GLU B 328 16.30 26.15 20.27
N ARG B 329 17.02 26.74 21.23
CA ARG B 329 18.23 27.49 20.92
C ARG B 329 19.23 26.52 20.29
N ALA B 330 19.37 25.35 20.92
CA ALA B 330 20.30 24.33 20.48
C ALA B 330 19.85 23.75 19.14
N ARG B 331 18.55 23.50 19.00
CA ARG B 331 18.01 22.79 17.83
C ARG B 331 18.16 23.65 16.58
N THR B 332 17.74 24.93 16.65
CA THR B 332 17.80 25.82 15.50
C THR B 332 19.26 26.10 15.14
N CYS B 333 20.05 26.53 16.11
CA CYS B 333 21.42 26.97 15.87
C CYS B 333 22.32 25.78 15.48
N ASN B 334 21.99 24.58 15.95
CA ASN B 334 22.74 23.36 15.57
C ASN B 334 22.68 23.18 14.06
N SER B 335 21.51 23.46 13.47
CA SER B 335 21.33 23.24 12.04
C SER B 335 22.08 24.31 11.24
N VAL B 336 22.14 25.53 11.78
CA VAL B 336 22.88 26.63 11.17
C VAL B 336 24.37 26.30 11.19
N VAL B 337 24.89 25.89 12.35
CA VAL B 337 26.34 25.67 12.50
C VAL B 337 26.77 24.40 11.73
N THR B 338 25.86 23.43 11.57
CA THR B 338 26.19 22.20 10.80
C THR B 338 25.69 22.31 9.37
N GLN B 339 25.13 23.47 9.00
CA GLN B 339 24.79 23.83 7.61
C GLN B 339 23.72 22.87 7.06
N VAL B 340 22.65 22.66 7.84
CA VAL B 340 21.54 21.82 7.47
C VAL B 340 20.33 22.71 7.23
N PRO B 341 19.61 22.59 6.08
CA PRO B 341 18.48 23.46 5.77
C PRO B 341 17.13 23.03 6.38
N GLY B 342 17.20 22.23 7.45
CA GLY B 342 16.08 21.88 8.26
C GLY B 342 16.54 21.37 9.62
N MET B 343 15.64 20.70 10.33
CA MET B 343 15.97 20.07 11.61
C MET B 343 15.48 18.62 11.60
N PHE B 344 15.82 17.87 12.66
CA PHE B 344 15.81 16.41 12.64
C PHE B 344 14.80 15.86 13.64
N ALA B 345 14.15 14.76 13.23
CA ALA B 345 13.26 13.99 14.03
C ALA B 345 13.06 12.62 13.37
N SER B 346 12.67 11.61 14.18
CA SER B 346 12.31 10.30 13.71
C SER B 346 11.27 10.43 12.59
N ILE B 347 11.48 9.73 11.48
CA ILE B 347 10.76 10.01 10.25
C ILE B 347 10.92 8.84 9.27
N ASN B 348 9.93 8.69 8.37
CA ASN B 348 10.04 7.79 7.24
C ASN B 348 11.14 8.29 6.29
N ASN B 349 11.86 7.33 5.71
CA ASN B 349 12.91 7.56 4.73
C ASN B 349 12.27 7.88 3.37
N VAL B 350 13.11 8.23 2.39
CA VAL B 350 12.67 8.61 1.05
C VAL B 350 11.94 7.44 0.37
N THR B 351 11.10 7.80 -0.60
CA THR B 351 10.46 6.88 -1.53
C THR B 351 11.46 6.54 -2.65
N ASP B 352 11.51 5.26 -3.00
CA ASP B 352 12.18 4.79 -4.22
C ASP B 352 11.22 5.03 -5.38
N PRO B 353 11.50 6.00 -6.28
CA PRO B 353 10.54 6.35 -7.32
C PRO B 353 10.17 5.16 -8.23
N ALA B 354 11.09 4.20 -8.38
CA ALA B 354 10.90 3.03 -9.26
C ALA B 354 9.80 2.10 -8.73
N THR B 355 9.75 1.95 -7.39
CA THR B 355 8.82 1.01 -6.73
C THR B 355 7.59 1.74 -6.17
N GLY B 356 7.77 3.00 -5.73
CA GLY B 356 6.75 3.74 -5.01
C GLY B 356 6.75 3.42 -3.52
N ASP B 357 7.75 2.66 -3.06
CA ASP B 357 7.82 2.20 -1.68
C ASP B 357 8.82 3.09 -0.92
N VAL B 358 8.44 3.42 0.32
CA VAL B 358 9.35 4.03 1.28
C VAL B 358 10.44 3.01 1.63
N VAL B 359 11.70 3.43 1.65
CA VAL B 359 12.83 2.48 1.71
C VAL B 359 13.10 2.04 3.16
N GLY B 360 12.52 2.73 4.14
CA GLY B 360 12.61 2.36 5.56
C GLY B 360 12.16 3.49 6.46
N TYR B 361 12.27 3.28 7.78
CA TYR B 361 12.00 4.32 8.79
C TYR B 361 13.29 4.69 9.50
N ILE B 362 13.56 6.00 9.65
CA ILE B 362 14.74 6.52 10.34
C ILE B 362 14.31 7.02 11.73
N SER B 363 14.52 6.18 12.75
CA SER B 363 14.25 6.52 14.15
C SER B 363 15.32 7.48 14.70
N ASN B 364 16.58 7.22 14.34
CA ASN B 364 17.75 7.78 15.04
C ASN B 364 18.22 9.07 14.35
N ALA B 365 17.31 10.06 14.22
CA ALA B 365 17.62 11.37 13.64
C ALA B 365 17.39 12.47 14.68
N GLY B 366 18.48 13.12 15.10
CA GLY B 366 18.41 14.22 16.06
C GLY B 366 19.72 15.00 16.13
N ILE B 367 20.25 15.11 17.35
CA ILE B 367 21.46 15.90 17.62
C ILE B 367 22.38 15.04 18.51
N PRO B 368 23.34 14.31 17.89
CA PRO B 368 24.12 13.30 18.61
C PRO B 368 24.85 13.76 19.87
N SER B 369 25.42 14.97 19.85
CA SER B 369 26.28 15.49 20.95
C SER B 369 25.50 15.70 22.25
N ILE B 370 24.16 15.80 22.17
CA ILE B 370 23.33 16.03 23.35
C ILE B 370 22.30 14.90 23.47
N ALA B 371 22.71 13.70 23.04
CA ALA B 371 21.86 12.53 22.95
C ALA B 371 22.53 11.35 23.67
N ASN B 372 21.69 10.46 24.20
CA ASN B 372 22.11 9.19 24.73
C ASN B 372 22.66 8.32 23.59
N GLN B 373 21.94 8.27 22.47
CA GLN B 373 22.28 7.46 21.30
C GLN B 373 22.98 8.33 20.25
N THR B 374 24.30 8.13 20.11
CA THR B 374 25.13 8.98 19.24
C THR B 374 25.20 8.41 17.82
N ILE B 375 24.81 7.15 17.61
CA ILE B 375 24.76 6.58 16.27
C ILE B 375 23.47 7.05 15.58
N GLN B 376 23.62 7.99 14.64
CA GLN B 376 22.48 8.70 14.07
C GLN B 376 22.63 8.78 12.55
N GLU B 377 21.48 8.75 11.88
CA GLU B 377 21.34 9.05 10.48
C GLU B 377 20.76 10.46 10.35
N LEU B 378 21.50 11.33 9.65
CA LEU B 378 21.25 12.75 9.55
C LEU B 378 21.17 13.21 8.08
N ASP B 379 20.81 12.31 7.17
CA ASP B 379 20.71 12.67 5.76
C ASP B 379 19.29 13.14 5.40
N VAL B 380 18.31 12.90 6.29
CA VAL B 380 16.88 13.21 6.04
C VAL B 380 16.35 14.18 7.11
N ILE B 381 15.71 15.26 6.66
CA ILE B 381 15.11 16.32 7.50
C ILE B 381 13.60 16.30 7.29
N THR B 382 12.84 16.86 8.24
CA THR B 382 11.39 16.81 8.18
C THR B 382 10.77 18.08 8.73
N PRO B 383 9.70 18.63 8.10
CA PRO B 383 9.01 19.80 8.62
C PRO B 383 8.54 19.73 10.08
N TYR B 384 8.14 18.54 10.56
CA TYR B 384 7.53 18.44 11.89
C TYR B 384 8.58 18.65 12.99
N SER B 385 9.88 18.59 12.64
CA SER B 385 10.98 18.90 13.57
C SER B 385 10.81 20.27 14.24
N VAL B 386 10.00 21.15 13.62
CA VAL B 386 9.78 22.52 14.10
C VAL B 386 8.76 22.57 15.25
N PHE B 387 8.01 21.49 15.50
CA PHE B 387 6.83 21.62 16.40
C PHE B 387 7.26 22.16 17.77
N PRO B 388 8.39 21.74 18.37
CA PRO B 388 8.78 22.27 19.68
C PRO B 388 9.23 23.74 19.64
N THR B 389 9.80 24.15 18.49
CA THR B 389 10.18 25.53 18.25
C THR B 389 8.93 26.42 18.19
N VAL B 390 7.90 25.89 17.53
CA VAL B 390 6.64 26.62 17.31
C VAL B 390 6.03 27.04 18.66
N LEU B 391 6.15 26.17 19.68
CA LEU B 391 5.56 26.44 21.01
C LEU B 391 6.20 27.68 21.65
N PHE B 392 7.46 27.97 21.32
CA PHE B 392 8.20 29.11 21.89
C PHE B 392 8.18 30.34 20.98
N ASP B 393 8.22 30.11 19.66
CA ASP B 393 8.31 31.20 18.69
C ASP B 393 7.76 30.73 17.35
N LYS B 394 6.50 31.05 17.08
CA LYS B 394 5.77 30.58 15.90
C LYS B 394 6.47 31.05 14.61
N GLY B 395 7.04 32.27 14.64
CA GLY B 395 7.71 32.85 13.49
C GLY B 395 8.93 32.05 13.09
N VAL B 396 9.80 31.79 14.08
CA VAL B 396 11.02 31.04 13.84
C VAL B 396 10.66 29.62 13.40
N GLY B 397 9.71 29.00 14.11
CA GLY B 397 9.21 27.67 13.79
C GLY B 397 8.78 27.56 12.35
N MET B 398 7.95 28.52 11.91
CA MET B 398 7.39 28.55 10.58
C MET B 398 8.45 28.90 9.53
N ALA B 399 9.46 29.68 9.91
CA ALA B 399 10.55 30.01 8.99
C ALA B 399 11.32 28.71 8.64
N TRP B 400 11.56 27.88 9.66
CA TRP B 400 12.21 26.58 9.48
C TRP B 400 11.31 25.66 8.66
N TRP B 401 10.02 25.62 9.02
CA TRP B 401 9.01 24.86 8.30
C TRP B 401 9.03 25.24 6.81
N ARG B 402 9.01 26.55 6.53
CA ARG B 402 8.98 27.10 5.17
C ARG B 402 10.23 26.64 4.40
N ASN B 403 11.39 26.76 5.04
CA ASN B 403 12.67 26.42 4.41
C ASN B 403 12.65 24.98 3.89
N MET B 404 12.07 24.07 4.67
CA MET B 404 11.96 22.67 4.28
C MET B 404 10.86 22.49 3.23
N ALA B 405 9.72 23.17 3.42
CA ALA B 405 8.56 23.02 2.55
C ALA B 405 8.83 23.54 1.12
N ILE B 406 9.75 24.50 0.96
CA ILE B 406 10.11 25.03 -0.37
C ILE B 406 10.99 24.03 -1.14
N GLY B 407 11.60 23.06 -0.44
CA GLY B 407 12.29 21.95 -1.12
C GLY B 407 11.39 21.33 -2.18
N LYS B 408 11.98 20.85 -3.28
CA LYS B 408 11.18 20.24 -4.34
C LYS B 408 10.35 19.08 -3.75
N LYS B 409 9.06 19.06 -4.10
CA LYS B 409 8.07 18.03 -3.74
C LYS B 409 7.68 18.08 -2.25
N MET B 410 7.95 19.19 -1.56
CA MET B 410 7.78 19.20 -0.09
C MET B 410 6.45 19.85 0.31
N GLN B 411 5.66 20.31 -0.67
CA GLN B 411 4.24 20.60 -0.47
C GLN B 411 3.44 19.76 -1.45
N ASN B 412 2.20 19.47 -1.05
CA ASN B 412 1.27 18.67 -1.82
C ASN B 412 -0.14 19.14 -1.50
N ILE B 413 -1.13 18.57 -2.18
CA ILE B 413 -2.54 19.00 -2.03
C ILE B 413 -3.11 18.58 -0.66
N TYR B 414 -2.29 17.91 0.17
CA TYR B 414 -2.67 17.60 1.54
C TYR B 414 -1.74 18.32 2.54
N GLY B 415 -1.04 19.37 2.09
CA GLY B 415 -0.13 20.17 2.95
C GLY B 415 1.32 19.76 2.78
N SER B 416 2.07 19.69 3.88
CA SER B 416 3.51 19.36 3.84
C SER B 416 3.72 17.86 3.53
N THR B 417 4.86 17.57 2.91
CA THR B 417 5.33 16.22 2.60
C THR B 417 6.16 15.73 3.80
N GLU B 418 6.19 14.40 3.97
CA GLU B 418 6.79 13.71 5.13
C GLU B 418 8.20 14.23 5.41
N SER B 419 9.09 14.14 4.42
CA SER B 419 10.51 14.40 4.64
C SER B 419 11.25 14.57 3.31
N THR B 420 12.44 15.17 3.39
CA THR B 420 13.35 15.33 2.27
C THR B 420 14.78 15.03 2.74
N ARG B 421 15.59 14.48 1.84
CA ARG B 421 17.02 14.47 2.03
C ARG B 421 17.50 15.92 2.10
N ARG B 422 18.46 16.18 3.01
CA ARG B 422 18.97 17.52 3.17
C ARG B 422 19.76 17.94 1.91
N ASP B 423 20.22 16.97 1.12
CA ASP B 423 20.94 17.27 -0.15
C ASP B 423 19.95 17.36 -1.33
N GLY B 424 18.66 17.14 -1.07
CA GLY B 424 17.60 17.39 -2.03
C GLY B 424 17.53 16.37 -3.18
N THR B 425 18.14 15.19 -3.01
CA THR B 425 18.19 14.16 -4.06
C THR B 425 17.06 13.15 -3.90
N GLY B 426 16.28 13.25 -2.81
CA GLY B 426 15.20 12.31 -2.54
C GLY B 426 14.18 12.89 -1.57
N VAL B 427 12.96 12.36 -1.64
CA VAL B 427 11.82 12.80 -0.83
C VAL B 427 11.01 11.56 -0.41
N SER B 428 10.44 11.60 0.81
CA SER B 428 9.48 10.61 1.24
C SER B 428 8.09 11.07 0.75
N ALA B 429 7.61 10.42 -0.32
CA ALA B 429 6.34 10.80 -0.96
C ALA B 429 5.20 10.19 -0.15
N LEU B 430 4.96 10.80 1.02
CA LEU B 430 4.18 10.19 2.06
C LEU B 430 3.56 11.30 2.94
N LEU B 431 2.40 10.96 3.53
CA LEU B 431 1.76 11.76 4.55
C LEU B 431 1.55 10.88 5.80
N THR B 432 1.87 11.40 6.99
CA THR B 432 1.54 10.75 8.26
C THR B 432 1.08 11.80 9.26
N TRP B 433 0.30 11.37 10.26
CA TRP B 433 -0.11 12.24 11.36
C TRP B 433 1.13 12.81 12.05
N ASP B 434 2.11 11.93 12.27
CA ASP B 434 3.32 12.25 13.03
C ASP B 434 4.09 13.41 12.36
N SER B 435 4.18 13.42 11.03
CA SER B 435 5.02 14.40 10.30
C SER B 435 4.25 15.70 9.97
N LYS B 436 2.95 15.75 10.28
CA LYS B 436 2.09 16.84 9.78
C LYS B 436 1.23 17.45 10.90
N VAL B 437 0.52 16.61 11.65
CA VAL B 437 -0.50 17.08 12.60
C VAL B 437 0.13 17.29 13.98
N SER B 438 1.36 16.80 14.19
CA SER B 438 2.16 17.20 15.32
C SER B 438 2.35 18.73 15.29
N THR B 439 2.75 19.23 14.12
CA THR B 439 2.99 20.66 13.88
C THR B 439 1.68 21.43 14.08
N VAL B 440 0.60 20.89 13.54
CA VAL B 440 -0.71 21.55 13.63
C VAL B 440 -1.04 21.73 15.12
N ASN B 441 -0.85 20.67 15.90
CA ASN B 441 -1.21 20.68 17.32
C ASN B 441 -0.32 21.68 18.08
N ALA B 442 0.94 21.84 17.67
CA ALA B 442 1.83 22.85 18.24
C ALA B 442 1.33 24.27 17.90
N ILE B 443 0.91 24.47 16.65
CA ILE B 443 0.35 25.75 16.19
C ILE B 443 -0.88 26.11 17.04
N LEU B 444 -1.68 25.11 17.44
CA LEU B 444 -2.92 25.33 18.22
C LEU B 444 -2.61 25.50 19.71
N GLY B 445 -1.33 25.35 20.08
CA GLY B 445 -0.84 25.61 21.42
C GLY B 445 -0.87 24.38 22.31
N GLY B 446 -0.95 23.18 21.74
CA GLY B 446 -1.12 21.95 22.53
C GLY B 446 -2.46 21.93 23.23
N VAL B 447 -2.68 20.94 24.09
CA VAL B 447 -3.93 20.80 24.85
C VAL B 447 -3.65 20.95 26.35
N SER B 448 -2.46 21.47 26.71
CA SER B 448 -2.04 21.54 28.12
C SER B 448 -2.96 22.48 28.91
N GLY B 449 -3.45 23.54 28.25
CA GLY B 449 -4.44 24.45 28.82
C GLY B 449 -5.70 23.72 29.27
N LEU B 450 -6.30 22.96 28.35
CA LEU B 450 -7.50 22.16 28.65
C LEU B 450 -7.20 21.17 29.78
N VAL B 451 -6.04 20.51 29.70
CA VAL B 451 -5.66 19.47 30.67
C VAL B 451 -5.50 20.08 32.06
N SER B 452 -4.83 21.24 32.14
CA SER B 452 -4.59 21.89 33.44
C SER B 452 -5.92 22.33 34.08
N GLN B 453 -6.89 22.73 33.26
CA GLN B 453 -8.21 23.09 33.77
C GLN B 453 -8.81 21.90 34.51
N LYS B 454 -8.84 20.74 33.85
CA LYS B 454 -9.44 19.54 34.39
C LYS B 454 -8.61 19.04 35.57
N MET B 455 -7.28 19.15 35.49
CA MET B 455 -6.38 18.76 36.58
C MET B 455 -6.66 19.60 37.83
N LYS B 456 -6.86 20.91 37.65
CA LYS B 456 -7.16 21.80 38.77
C LYS B 456 -8.51 21.42 39.39
N ALA B 457 -9.52 21.14 38.54
CA ALA B 457 -10.86 20.78 39.00
C ALA B 457 -10.82 19.45 39.79
N GLU B 458 -9.88 18.55 39.44
CA GLU B 458 -9.77 17.21 40.08
C GLU B 458 -8.64 17.18 41.12
N ASN B 459 -8.09 18.37 41.42
N ASN B 459 -8.09 18.36 41.44
CA ASN B 459 -7.13 18.63 42.49
CA ASN B 459 -7.16 18.57 42.54
C ASN B 459 -5.89 17.73 42.34
C ASN B 459 -5.87 17.74 42.36
N ILE B 460 -5.39 17.60 41.11
CA ILE B 460 -4.10 16.91 40.86
C ILE B 460 -3.07 17.89 40.25
N TYR B 461 -3.51 19.10 39.88
CA TYR B 461 -2.62 20.10 39.29
C TYR B 461 -1.45 20.42 40.25
N ASN B 462 -1.76 20.68 41.52
CA ASN B 462 -0.72 21.11 42.49
C ASN B 462 0.32 20.01 42.67
N THR B 463 -0.15 18.75 42.65
CA THR B 463 0.74 17.61 42.79
C THR B 463 1.69 17.52 41.59
N PHE B 464 1.12 17.69 40.39
CA PHE B 464 1.91 17.67 39.15
C PHE B 464 3.05 18.70 39.28
N VAL B 465 2.68 19.95 39.62
CA VAL B 465 3.62 21.07 39.68
C VAL B 465 4.73 20.76 40.70
N GLU B 466 4.31 20.37 41.91
CA GLU B 466 5.23 20.10 43.01
C GLU B 466 6.24 19.02 42.60
N ARG B 467 5.73 17.93 42.05
CA ARG B 467 6.56 16.80 41.71
C ARG B 467 7.53 17.18 40.58
N ILE B 468 7.01 17.75 39.49
CA ILE B 468 7.80 17.90 38.28
C ILE B 468 8.79 19.07 38.44
N GLU B 469 8.40 20.10 39.21
CA GLU B 469 9.32 21.20 39.50
C GLU B 469 10.49 20.67 40.33
N ALA B 470 10.20 19.84 41.34
CA ALA B 470 11.22 19.21 42.18
C ALA B 470 12.23 18.42 41.33
N GLU B 471 11.72 17.55 40.44
CA GLU B 471 12.59 16.68 39.68
C GLU B 471 13.51 17.51 38.80
N TYR B 472 12.93 18.49 38.09
CA TYR B 472 13.66 19.29 37.11
C TYR B 472 14.62 20.26 37.83
N SER B 473 14.16 20.92 38.91
CA SER B 473 14.98 21.90 39.65
C SER B 473 16.20 21.23 40.31
N ARG B 474 16.11 19.93 40.60
CA ARG B 474 17.19 19.17 41.21
C ARG B 474 18.32 18.93 40.20
N VAL B 475 17.99 18.79 38.91
CA VAL B 475 18.94 18.41 37.86
C VAL B 475 19.49 19.66 37.16
N PHE B 476 18.60 20.64 36.86
CA PHE B 476 18.94 21.76 35.99
C PHE B 476 19.22 23.01 36.84
N LYS B 477 20.52 23.22 37.12
CA LYS B 477 21.05 24.30 37.94
C LYS B 477 22.03 25.11 37.08
N ASN B 478 22.05 26.43 37.26
CA ASN B 478 23.02 27.32 36.59
C ASN B 478 23.05 27.02 35.08
N LEU B 479 21.87 27.13 34.46
CA LEU B 479 21.72 27.05 32.99
C LEU B 479 22.71 27.99 32.31
N LYS B 480 23.33 27.50 31.24
CA LYS B 480 24.11 28.30 30.31
C LYS B 480 23.33 28.47 29.00
N GLY B 481 23.64 29.58 28.30
CA GLY B 481 23.22 29.78 26.92
C GLY B 481 21.84 30.41 26.80
N GLU B 482 21.29 30.95 27.90
CA GLU B 482 19.94 31.52 27.84
C GLU B 482 19.93 32.85 27.06
N HIS B 483 21.12 33.38 26.75
CA HIS B 483 21.25 34.60 25.97
C HIS B 483 21.49 34.28 24.49
N VAL B 484 21.56 32.99 24.13
CA VAL B 484 21.69 32.59 22.73
C VAL B 484 20.32 32.70 22.05
N PRO B 485 20.13 33.64 21.10
CA PRO B 485 18.86 33.74 20.37
C PRO B 485 18.64 32.50 19.48
N PHE B 486 17.36 32.21 19.20
CA PHE B 486 17.02 31.23 18.18
C PHE B 486 17.65 31.66 16.86
N CYS B 487 18.10 30.67 16.09
CA CYS B 487 18.72 30.88 14.81
C CYS B 487 17.66 30.68 13.73
N LEU B 488 17.82 31.40 12.61
CA LEU B 488 16.98 31.25 11.43
C LEU B 488 17.74 30.43 10.40
N PRO B 489 17.03 29.74 9.47
CA PRO B 489 17.69 28.95 8.43
C PRO B 489 18.65 29.80 7.58
N GLN B 490 19.85 29.26 7.33
CA GLN B 490 20.92 29.95 6.61
C GLN B 490 21.22 29.23 5.28
N GLU B 491 20.77 27.99 5.12
CA GLU B 491 20.95 27.18 3.92
C GLU B 491 19.58 26.76 3.38
N THR B 492 19.48 26.59 2.05
CA THR B 492 18.26 26.09 1.41
C THR B 492 18.44 24.61 1.04
N VAL B 493 17.32 23.91 0.85
CA VAL B 493 17.34 22.55 0.34
C VAL B 493 17.82 22.63 -1.11
N PRO B 494 18.93 21.95 -1.50
CA PRO B 494 19.38 21.99 -2.89
C PRO B 494 18.30 21.50 -3.87
N ASP B 495 18.19 22.17 -5.02
CA ASP B 495 17.43 21.66 -6.16
C ASP B 495 18.39 20.86 -7.05
N THR B 496 18.13 19.56 -7.20
CA THR B 496 19.02 18.63 -7.90
C THR B 496 18.32 18.00 -9.11
N GLY B 497 17.12 18.48 -9.46
CA GLY B 497 16.38 17.95 -10.60
C GLY B 497 15.07 17.28 -10.23
N LEU B 498 14.77 17.10 -8.94
CA LEU B 498 13.44 16.68 -8.52
C LEU B 498 12.41 17.70 -9.02
N VAL B 499 11.23 17.22 -9.35
CA VAL B 499 10.16 18.01 -9.95
C VAL B 499 8.98 18.03 -8.98
N ASP B 500 8.47 19.21 -8.67
CA ASP B 500 7.28 19.38 -7.83
C ASP B 500 6.17 18.47 -8.36
N PHE B 501 5.30 18.01 -7.45
CA PHE B 501 4.12 17.24 -7.82
C PHE B 501 3.29 18.08 -8.81
N THR B 502 2.65 17.41 -9.77
CA THR B 502 1.99 18.11 -10.87
C THR B 502 0.69 18.77 -10.38
N THR B 503 0.18 18.34 -9.22
CA THR B 503 -1.03 18.93 -8.64
C THR B 503 -0.69 20.06 -7.65
N CYS B 504 0.60 20.27 -7.37
CA CYS B 504 1.03 21.27 -6.37
C CYS B 504 2.37 21.91 -6.81
N ASN B 505 2.32 22.92 -7.68
CA ASN B 505 3.52 23.57 -8.20
C ASN B 505 3.27 25.07 -8.47
C1 NAG C . -5.15 9.82 -30.09
C2 NAG C . -6.39 9.66 -30.95
C3 NAG C . -6.10 10.03 -32.40
C4 NAG C . -5.41 11.39 -32.48
C5 NAG C . -4.17 11.37 -31.59
C6 NAG C . -3.33 12.64 -31.68
C7 NAG C . -8.14 7.95 -30.77
C8 NAG C . -8.43 6.47 -30.75
N2 NAG C . -6.86 8.28 -30.87
O3 NAG C . -7.35 10.07 -33.10
O4 NAG C . -5.07 11.68 -33.85
O5 NAG C . -4.61 11.14 -30.25
O6 NAG C . -3.89 13.72 -30.90
O7 NAG C . -9.05 8.76 -30.70
C1 NAG D . 8.25 17.03 -23.18
C2 NAG D . 9.21 18.03 -22.51
C3 NAG D . 8.42 19.11 -21.76
C4 NAG D . 7.43 19.75 -22.72
C5 NAG D . 6.52 18.66 -23.26
C6 NAG D . 5.37 19.18 -24.10
C7 NAG D . 11.45 17.45 -21.66
C8 NAG D . 12.20 16.83 -20.51
N2 NAG D . 10.11 17.39 -21.57
O3 NAG D . 9.29 20.10 -21.21
O4 NAG D . 6.64 20.74 -22.05
O5 NAG D . 7.33 17.76 -24.01
O6 NAG D . 5.85 20.25 -24.92
O7 NAG D . 12.04 17.99 -22.59
C1 NAG E . 11.36 -15.27 -1.63
C2 NAG E . 12.71 -14.78 -2.12
C3 NAG E . 13.80 -15.73 -1.61
C4 NAG E . 13.78 -15.77 -0.09
C5 NAG E . 12.37 -16.14 0.37
C6 NAG E . 12.25 -16.10 1.89
C7 NAG E . 12.54 -13.58 -4.29
C8 NAG E . 12.82 -13.69 -5.76
N2 NAG E . 12.80 -14.68 -3.59
O3 NAG E . 15.06 -15.25 -2.08
O4 NAG E . 14.75 -16.70 0.42
O5 NAG E . 11.39 -15.27 -0.20
O6 NAG E . 10.90 -16.44 2.20
O7 NAG E . 12.14 -12.54 -3.77
C1 NAG F . -14.36 -3.36 28.34
C2 NAG F . -15.43 -2.54 29.02
C3 NAG F . -15.64 -3.03 30.44
C4 NAG F . -15.96 -4.52 30.42
C5 NAG F . -14.81 -5.20 29.71
C6 NAG F . -14.89 -6.73 29.70
C7 NAG F . -15.81 -0.16 28.62
C8 NAG F . -15.24 1.23 28.80
N2 NAG F . -15.02 -1.16 29.01
O3 NAG F . -16.65 -2.24 31.05
O4 NAG F . -16.06 -5.10 31.72
O5 NAG F . -14.78 -4.71 28.38
O6 NAG F . -15.80 -7.11 28.66
O7 NAG F . -16.93 -0.32 28.18
C1 NAG G . -7.02 -17.41 23.30
C2 NAG G . -6.68 -18.77 22.67
C3 NAG G . -7.81 -19.28 21.77
C4 NAG G . -9.18 -19.14 22.40
C5 NAG G . -9.38 -17.77 23.05
C6 NAG G . -10.68 -17.76 23.84
C7 NAG G . -4.29 -19.17 22.30
C8 NAG G . -3.12 -18.91 21.39
N2 NAG G . -5.46 -18.68 21.88
O3 NAG G . -7.58 -20.66 21.50
O4 NAG G . -10.22 -19.36 21.43
O5 NAG G . -8.30 -17.47 23.95
O6 NAG G . -10.71 -18.89 24.71
O7 NAG G . -4.16 -19.78 23.35
C1 NAG H . 17.45 5.68 3.96
C2 NAG H . 18.20 4.51 4.58
C3 NAG H . 19.68 4.70 4.29
C4 NAG H . 19.90 4.69 2.79
C5 NAG H . 18.97 5.68 2.10
C6 NAG H . 18.96 5.47 0.60
C7 NAG H . 16.93 3.66 6.49
C8 NAG H . 16.92 3.40 7.97
N2 NAG H . 17.97 4.34 6.01
O3 NAG H . 20.41 3.66 4.91
O4 NAG H . 21.27 5.08 2.53
O5 NAG H . 17.61 5.62 2.55
O6 NAG H . 18.74 6.76 0.03
O7 NAG H . 16.04 3.27 5.75
C1 NAG I . 22.17 6.28 28.21
C2 NAG I . 23.56 6.41 28.81
C3 NAG I . 23.75 5.19 29.71
C4 NAG I . 22.68 5.17 30.79
C5 NAG I . 21.32 5.05 30.10
C6 NAG I . 20.13 4.96 31.05
C7 NAG I . 25.21 7.56 27.36
C8 NAG I . 26.21 7.39 26.27
N2 NAG I . 24.59 6.46 27.76
O3 NAG I . 25.03 5.20 30.32
O4 NAG I . 22.94 4.10 31.69
O5 NAG I . 21.17 6.19 29.24
O6 NAG I . 20.12 6.02 32.01
O7 NAG I . 24.99 8.65 27.84
C1 GOL J . 23.58 33.25 28.96
O1 GOL J . 23.99 32.84 27.63
C2 GOL J . 24.36 32.64 30.10
O2 GOL J . 25.31 31.68 29.61
C3 GOL J . 23.47 32.04 31.22
O3 GOL J . 22.26 31.42 30.75
C1 CIT K . -7.62 -22.58 24.65
O1 CIT K . -7.98 -23.75 24.37
O2 CIT K . -7.04 -21.86 23.79
C2 CIT K . -7.96 -22.07 26.05
C3 CIT K . -7.57 -20.62 26.41
O7 CIT K . -8.24 -19.63 25.60
C4 CIT K . -7.93 -20.32 27.87
C5 CIT K . -9.43 -20.35 28.18
O3 CIT K . -9.76 -20.43 29.38
O4 CIT K . -10.29 -20.30 27.27
C6 CIT K . -6.07 -20.46 26.28
O5 CIT K . -5.34 -21.44 26.54
O6 CIT K . -5.61 -19.34 25.94
C1 PEG L . 3.16 38.17 2.38
O1 PEG L . 2.02 39.03 2.44
C2 PEG L . 3.28 37.51 0.99
O2 PEG L . 1.99 37.06 0.53
C3 PEG L . 1.81 35.66 0.38
C4 PEG L . 1.23 35.35 -1.00
O4 PEG L . -0.18 35.61 -1.00
C1 PGE M . 29.82 21.63 9.66
O1 PGE M . 30.21 21.17 8.36
C2 PGE M . 30.80 21.12 10.70
O2 PGE M . 30.20 21.07 12.00
C3 PGE M . 30.94 20.27 12.93
C4 PGE M . 30.03 19.69 14.02
O4 PGE M . 26.68 16.60 13.21
C6 PGE M . 27.75 17.16 14.01
C5 PGE M . 28.77 17.83 13.12
O3 PGE M . 29.89 18.26 13.90
#